data_4G1T
#
_entry.id   4G1T
#
_cell.length_a   80.023
_cell.length_b   95.207
_cell.length_c   155.900
_cell.angle_alpha   90.00
_cell.angle_beta   90.00
_cell.angle_gamma   90.00
#
_symmetry.space_group_name_H-M   'P 21 21 21'
#
loop_
_entity.id
_entity.type
_entity.pdbx_description
1 polymer 'Interferon-induced protein with tetratricopeptide repeats 2'
2 water water
#
_entity_poly.entity_id   1
_entity_poly.type   'polypeptide(L)'
_entity_poly.pdbx_seq_one_letter_code
;MSENNKNSLESSLRQLKCHFTWNLMEGENSLDDFEDKVFYRTEFQNREFKATMCNLLAYLKHLKGQNEAALECLRKAEEL
IQQEHADQAEIRSLVTWGNYAWVYYHMGRLSDVQIYVDKVKHVCEKFSSPYRIESPELDCEEGWTRLKCGGNQNERAKVC
FEKALEKKPKNPEFTSGLAIASYRLDNWPPSQNAIDPLRQAIRLNPDNQYLKVLLALKLHKMREEGEEEGEGEKLVEEAL
EKAPGVTDVLRSAAKFYRRKDEPDKAIELLKKALEYIPNNAYLHCQIGCCYRAKVFQVMNLRENGMYGKRKLLELIGHAV
AHLKKADEANDNLFRVCSILASLHALADQYEEAEYYFQKEFSKELTPVAKQLLHLRYGNFQLYQMKCEDKAIHHFIEGVK
INQKSREKEKMKDKLQKIAKMRLSKNGADSEALHVLAFLQELNEKMQQADEDSERGLESGSLIPSASSWNGE
;
_entity_poly.pdbx_strand_id   A,B
#
# COMPACT_ATOMS: atom_id res chain seq x y z
N LYS A 6 -43.15 7.40 -8.98
CA LYS A 6 -43.58 6.42 -7.99
C LYS A 6 -42.60 6.34 -6.82
N ASN A 7 -41.62 7.24 -6.81
CA ASN A 7 -40.54 7.17 -5.83
C ASN A 7 -40.00 8.54 -5.42
N SER A 8 -39.40 8.61 -4.23
CA SER A 8 -38.78 9.85 -3.76
C SER A 8 -37.76 10.42 -4.77
N LEU A 9 -37.83 11.74 -4.96
CA LEU A 9 -36.96 12.42 -5.89
C LEU A 9 -35.51 12.12 -5.52
N GLU A 10 -35.27 11.91 -4.23
CA GLU A 10 -33.96 11.52 -3.74
C GLU A 10 -33.47 10.23 -4.39
N SER A 11 -34.20 9.13 -4.21
CA SER A 11 -33.78 7.83 -4.70
C SER A 11 -33.26 7.98 -6.13
N SER A 12 -33.97 8.78 -6.91
CA SER A 12 -33.55 9.03 -8.29
C SER A 12 -32.25 9.83 -8.35
N LEU A 13 -32.15 10.90 -7.55
CA LEU A 13 -30.89 11.63 -7.50
C LEU A 13 -29.71 10.74 -7.04
N ARG A 14 -29.98 9.77 -6.17
CA ARG A 14 -28.90 8.90 -5.69
C ARG A 14 -28.19 8.16 -6.83
N GLN A 15 -28.86 7.97 -7.96
CA GLN A 15 -28.31 7.22 -9.09
C GLN A 15 -27.52 8.03 -10.08
N LEU A 16 -27.58 9.34 -9.97
CA LEU A 16 -26.82 10.21 -10.86
C LEU A 16 -25.34 10.11 -10.52
N LYS A 17 -24.48 10.23 -11.53
CA LYS A 17 -23.05 10.30 -11.28
C LYS A 17 -22.62 11.75 -11.15
N CYS A 18 -22.26 12.16 -9.95
CA CYS A 18 -21.63 13.46 -9.74
C CYS A 18 -21.02 13.48 -8.35
N HIS A 19 -20.47 14.62 -7.94
CA HIS A 19 -19.83 14.74 -6.64
C HIS A 19 -20.68 14.29 -5.44
N PHE A 20 -21.99 14.49 -5.49
CA PHE A 20 -22.82 14.17 -4.34
C PHE A 20 -22.91 12.67 -4.11
N THR A 21 -22.69 11.90 -5.17
CA THR A 21 -22.90 10.46 -5.12
C THR A 21 -21.60 9.69 -5.06
N TRP A 22 -20.49 10.37 -5.36
CA TRP A 22 -19.15 9.89 -5.04
C TRP A 22 -19.16 10.08 -3.56
N ASN A 23 -18.13 9.70 -2.82
CA ASN A 23 -18.31 9.84 -1.38
C ASN A 23 -17.08 10.46 -0.77
N LEU A 24 -16.94 11.76 -0.99
CA LEU A 24 -15.66 12.44 -0.89
C LEU A 24 -15.25 12.78 0.55
N MET A 25 -16.21 12.73 1.47
CA MET A 25 -15.95 13.12 2.85
C MET A 25 -15.63 11.93 3.72
N GLU A 26 -15.47 10.76 3.11
CA GLU A 26 -15.21 9.53 3.85
C GLU A 26 -13.94 9.65 4.67
N GLY A 27 -14.06 9.57 5.99
CA GLY A 27 -12.92 9.68 6.88
C GLY A 27 -12.40 11.08 7.09
N GLU A 28 -13.10 12.06 6.53
CA GLU A 28 -12.76 13.44 6.79
C GLU A 28 -13.48 13.88 8.05
N ASN A 29 -12.75 13.92 9.15
CA ASN A 29 -13.33 14.30 10.43
C ASN A 29 -13.82 15.73 10.43
N SER A 30 -13.29 16.52 9.50
CA SER A 30 -13.35 17.98 9.64
C SER A 30 -13.56 18.73 8.33
N LEU A 31 -14.68 19.43 8.22
CA LEU A 31 -15.05 20.13 7.01
C LEU A 31 -14.22 21.38 6.81
N ASP A 32 -13.76 22.00 7.88
CA ASP A 32 -12.90 23.16 7.69
C ASP A 32 -11.56 22.68 7.19
N ASP A 33 -11.09 21.57 7.76
CA ASP A 33 -9.84 20.99 7.34
C ASP A 33 -9.94 20.70 5.86
N PHE A 34 -10.99 19.98 5.50
CA PHE A 34 -11.16 19.52 4.12
C PHE A 34 -11.30 20.72 3.17
N GLU A 35 -12.02 21.75 3.59
CA GLU A 35 -12.13 22.98 2.80
C GLU A 35 -10.78 23.63 2.51
N ASP A 36 -9.96 23.77 3.55
CA ASP A 36 -8.64 24.36 3.37
C ASP A 36 -7.74 23.47 2.51
N LYS A 37 -7.85 22.16 2.69
CA LYS A 37 -7.00 21.21 2.00
C LYS A 37 -7.19 21.27 0.49
N VAL A 38 -8.37 21.73 0.09
CA VAL A 38 -8.75 21.74 -1.32
C VAL A 38 -8.51 23.10 -1.94
N PHE A 39 -8.94 24.14 -1.26
CA PHE A 39 -8.61 25.51 -1.61
C PHE A 39 -7.10 25.77 -1.77
N TYR A 40 -6.28 25.10 -0.96
CA TYR A 40 -4.84 25.25 -1.08
C TYR A 40 -4.30 24.43 -2.27
N ARG A 41 -4.89 23.27 -2.50
CA ARG A 41 -4.47 22.47 -3.63
C ARG A 41 -4.98 23.02 -4.97
N THR A 42 -6.02 23.84 -4.95
CA THR A 42 -6.60 24.29 -6.23
C THR A 42 -5.83 25.47 -6.77
N GLU A 43 -5.05 26.08 -5.88
CA GLU A 43 -4.20 27.17 -6.30
C GLU A 43 -3.12 26.68 -7.28
N PHE A 44 -2.88 25.37 -7.27
CA PHE A 44 -2.10 24.74 -8.32
C PHE A 44 -3.07 24.48 -9.48
N GLN A 45 -2.78 25.04 -10.65
CA GLN A 45 -3.71 24.96 -11.78
C GLN A 45 -3.54 23.66 -12.59
N ASN A 46 -4.20 22.61 -12.12
CA ASN A 46 -4.17 21.30 -12.78
C ASN A 46 -5.06 21.25 -14.03
N LYS A 50 -8.89 23.85 -15.86
CA LYS A 50 -9.95 22.85 -15.94
C LYS A 50 -11.24 23.24 -15.17
N ALA A 51 -12.31 22.49 -15.41
CA ALA A 51 -13.63 22.79 -14.86
C ALA A 51 -14.03 21.86 -13.71
N THR A 52 -13.32 20.75 -13.54
CA THR A 52 -13.55 19.89 -12.38
C THR A 52 -13.31 20.73 -11.13
N MET A 53 -12.52 21.78 -11.31
CA MET A 53 -12.29 22.75 -10.26
C MET A 53 -13.58 23.33 -9.72
N CYS A 54 -14.35 23.92 -10.61
CA CYS A 54 -15.52 24.65 -10.22
C CYS A 54 -16.54 23.73 -9.55
N ASN A 55 -16.54 22.47 -9.94
CA ASN A 55 -17.47 21.54 -9.33
C ASN A 55 -17.08 21.20 -7.92
N LEU A 56 -15.78 21.09 -7.69
CA LEU A 56 -15.32 20.68 -6.37
C LEU A 56 -15.60 21.82 -5.42
N LEU A 57 -15.43 23.04 -5.92
CA LEU A 57 -15.66 24.24 -5.12
C LEU A 57 -17.15 24.39 -4.81
N ALA A 58 -17.98 24.13 -5.82
CA ALA A 58 -19.41 24.13 -5.61
C ALA A 58 -19.81 23.17 -4.49
N TYR A 59 -19.38 21.91 -4.61
CA TYR A 59 -19.68 20.89 -3.61
C TYR A 59 -19.34 21.35 -2.19
N LEU A 60 -18.29 22.14 -2.07
CA LEU A 60 -17.89 22.58 -0.75
C LEU A 60 -18.85 23.65 -0.30
N LYS A 61 -18.98 24.70 -1.09
CA LYS A 61 -19.88 25.78 -0.74
C LYS A 61 -21.25 25.25 -0.34
N HIS A 62 -21.73 24.20 -1.00
CA HIS A 62 -22.98 23.58 -0.59
C HIS A 62 -22.91 23.01 0.83
N LEU A 63 -21.78 22.41 1.14
CA LEU A 63 -21.54 21.81 2.44
C LEU A 63 -21.36 22.86 3.53
N LYS A 64 -20.94 24.06 3.11
CA LYS A 64 -20.74 25.17 4.01
C LYS A 64 -22.09 25.86 4.20
N GLY A 65 -23.09 25.34 3.49
CA GLY A 65 -24.44 25.86 3.53
C GLY A 65 -24.67 26.96 2.52
N GLN A 66 -23.63 27.32 1.78
CA GLN A 66 -23.74 28.36 0.76
C GLN A 66 -24.23 27.77 -0.56
N ASN A 67 -25.50 27.37 -0.59
CA ASN A 67 -26.09 26.80 -1.80
C ASN A 67 -26.11 27.82 -2.94
N GLU A 68 -26.44 29.06 -2.59
CA GLU A 68 -26.52 30.14 -3.55
C GLU A 68 -25.21 30.21 -4.33
N ALA A 69 -24.10 30.19 -3.61
CA ALA A 69 -22.78 30.39 -4.21
C ALA A 69 -22.31 29.13 -4.92
N ALA A 70 -22.94 28.02 -4.62
CA ALA A 70 -22.60 26.77 -5.26
C ALA A 70 -23.04 26.80 -6.71
N LEU A 71 -24.25 27.29 -6.93
CA LEU A 71 -24.76 27.46 -8.30
C LEU A 71 -23.81 28.37 -9.06
N GLU A 72 -23.21 29.30 -8.34
CA GLU A 72 -22.27 30.24 -8.93
C GLU A 72 -21.11 29.50 -9.60
N CYS A 73 -20.67 28.41 -8.99
CA CYS A 73 -19.60 27.57 -9.51
C CYS A 73 -20.09 26.66 -10.64
N LEU A 74 -21.14 25.90 -10.38
CA LEU A 74 -21.74 25.05 -11.40
C LEU A 74 -21.88 25.83 -12.70
N ARG A 75 -22.24 27.10 -12.59
CA ARG A 75 -22.44 27.93 -13.77
C ARG A 75 -21.14 28.24 -14.51
N LYS A 76 -20.12 28.64 -13.76
CA LYS A 76 -18.84 28.95 -14.38
C LYS A 76 -18.21 27.70 -14.97
N ALA A 77 -18.61 26.54 -14.49
CA ALA A 77 -18.09 25.27 -15.00
C ALA A 77 -18.69 24.95 -16.36
N GLU A 78 -20.00 25.02 -16.47
CA GLU A 78 -20.65 24.73 -17.75
C GLU A 78 -20.37 25.82 -18.79
N GLU A 79 -19.69 26.88 -18.37
CA GLU A 79 -19.20 27.87 -19.32
C GLU A 79 -17.84 27.40 -19.86
N LEU A 80 -17.00 26.93 -18.96
CA LEU A 80 -15.70 26.38 -19.38
C LEU A 80 -15.93 25.15 -20.24
N ILE A 81 -16.86 24.29 -19.83
CA ILE A 81 -17.16 23.10 -20.61
C ILE A 81 -17.60 23.46 -22.04
N GLN A 82 -18.35 24.55 -22.18
CA GLN A 82 -18.85 24.91 -23.51
C GLN A 82 -17.78 25.56 -24.39
N GLN A 83 -16.77 26.19 -23.81
CA GLN A 83 -15.86 26.94 -24.64
C GLN A 83 -14.69 26.10 -25.16
N GLU A 84 -14.25 25.17 -24.33
CA GLU A 84 -13.02 24.46 -24.62
C GLU A 84 -13.22 23.01 -25.09
N HIS A 85 -14.09 22.28 -24.39
CA HIS A 85 -14.44 20.93 -24.78
C HIS A 85 -15.76 21.05 -25.60
N ALA A 86 -15.87 22.24 -26.19
CA ALA A 86 -17.07 22.78 -26.91
C ALA A 86 -17.82 21.89 -27.91
N ASP A 87 -17.12 21.39 -28.91
CA ASP A 87 -17.83 20.56 -29.93
C ASP A 87 -18.64 19.41 -29.23
N GLN A 88 -18.20 18.95 -28.04
CA GLN A 88 -19.02 17.88 -27.42
C GLN A 88 -19.37 18.07 -25.97
N ALA A 89 -20.33 18.93 -25.70
CA ALA A 89 -20.57 19.33 -24.34
C ALA A 89 -21.52 18.40 -23.58
N GLU A 90 -22.35 17.66 -24.33
CA GLU A 90 -23.45 16.89 -23.72
C GLU A 90 -23.01 15.89 -22.65
N ILE A 91 -21.91 15.19 -22.88
CA ILE A 91 -21.49 14.21 -21.90
C ILE A 91 -20.58 14.83 -20.85
N ARG A 92 -20.02 15.99 -21.19
CA ARG A 92 -19.03 16.61 -20.35
C ARG A 92 -19.71 17.35 -19.25
N SER A 93 -21.01 17.52 -19.40
CA SER A 93 -21.79 18.29 -18.45
C SER A 93 -22.59 17.36 -17.55
N LEU A 94 -22.50 16.08 -17.81
CA LEU A 94 -23.27 15.13 -17.04
C LEU A 94 -23.16 15.32 -15.52
N VAL A 95 -21.97 15.59 -15.00
CA VAL A 95 -21.85 15.68 -13.56
C VAL A 95 -22.23 17.08 -13.10
N THR A 96 -21.83 18.08 -13.86
CA THR A 96 -22.25 19.45 -13.56
C THR A 96 -23.78 19.58 -13.40
N TRP A 97 -24.52 18.94 -14.28
CA TRP A 97 -25.96 18.98 -14.23
C TRP A 97 -26.47 18.28 -12.99
N GLY A 98 -25.87 17.13 -12.69
CA GLY A 98 -26.32 16.33 -11.57
C GLY A 98 -25.94 17.01 -10.28
N ASN A 99 -24.92 17.84 -10.32
CA ASN A 99 -24.61 18.68 -9.18
C ASN A 99 -25.69 19.75 -8.99
N TYR A 100 -26.10 20.39 -10.08
CA TYR A 100 -27.27 21.25 -10.07
C TYR A 100 -28.45 20.52 -9.43
N ALA A 101 -28.78 19.36 -9.99
CA ALA A 101 -29.91 18.61 -9.47
C ALA A 101 -29.87 18.55 -7.95
N TRP A 102 -28.72 18.19 -7.40
CA TRP A 102 -28.58 18.02 -5.95
C TRP A 102 -28.61 19.31 -5.14
N VAL A 103 -28.03 20.37 -5.70
CA VAL A 103 -27.96 21.63 -4.99
C VAL A 103 -29.37 22.18 -4.82
N TYR A 104 -30.08 22.30 -5.93
CA TYR A 104 -31.46 22.73 -5.89
C TYR A 104 -32.32 21.94 -4.91
N TYR A 105 -32.18 20.62 -4.91
CA TYR A 105 -32.98 19.77 -4.05
C TYR A 105 -32.76 20.11 -2.58
N HIS A 106 -31.55 20.56 -2.26
CA HIS A 106 -31.24 20.96 -0.90
C HIS A 106 -31.76 22.35 -0.62
N MET A 107 -31.99 23.12 -1.68
CA MET A 107 -32.64 24.41 -1.57
C MET A 107 -34.16 24.25 -1.60
N GLY A 108 -34.62 23.01 -1.72
CA GLY A 108 -36.04 22.71 -1.76
C GLY A 108 -36.67 23.13 -3.07
N ARG A 109 -35.84 23.36 -4.09
CA ARG A 109 -36.35 23.77 -5.39
C ARG A 109 -36.63 22.57 -6.30
N LEU A 110 -37.88 22.11 -6.26
CA LEU A 110 -38.35 20.98 -7.06
C LEU A 110 -38.33 21.24 -8.56
N SER A 111 -38.66 22.48 -8.93
CA SER A 111 -38.73 22.89 -10.34
C SER A 111 -37.46 22.82 -11.18
N ASP A 112 -36.31 23.21 -10.65
CA ASP A 112 -35.10 23.15 -11.47
C ASP A 112 -34.41 21.81 -11.33
N VAL A 113 -34.50 21.24 -10.14
CA VAL A 113 -34.11 19.87 -9.98
C VAL A 113 -34.68 19.09 -11.14
N GLN A 114 -36.00 19.17 -11.32
CA GLN A 114 -36.62 18.46 -12.44
C GLN A 114 -36.04 18.85 -13.81
N ILE A 115 -35.75 20.13 -14.03
CA ILE A 115 -35.15 20.53 -15.28
C ILE A 115 -33.93 19.66 -15.53
N TYR A 116 -33.01 19.66 -14.56
CA TYR A 116 -31.70 19.05 -14.74
C TYR A 116 -31.69 17.51 -14.81
N VAL A 117 -32.54 16.86 -14.03
CA VAL A 117 -32.76 15.44 -14.19
C VAL A 117 -33.23 15.14 -15.62
N ASP A 118 -33.81 16.15 -16.27
CA ASP A 118 -34.23 15.98 -17.64
C ASP A 118 -33.03 16.11 -18.55
N LYS A 119 -32.30 17.22 -18.46
CA LYS A 119 -31.09 17.37 -19.28
C LYS A 119 -30.16 16.16 -19.11
N VAL A 120 -30.17 15.54 -17.93
CA VAL A 120 -29.42 14.31 -17.71
C VAL A 120 -30.06 13.15 -18.48
N LYS A 121 -31.28 12.76 -18.10
CA LYS A 121 -31.97 11.66 -18.75
C LYS A 121 -31.84 11.70 -20.26
N HIS A 122 -31.84 12.90 -20.84
CA HIS A 122 -31.74 13.02 -22.28
C HIS A 122 -30.40 12.50 -22.74
N VAL A 123 -29.34 13.19 -22.35
CA VAL A 123 -27.99 12.81 -22.72
C VAL A 123 -27.67 11.34 -22.38
N CYS A 124 -28.37 10.77 -21.41
CA CYS A 124 -28.13 9.38 -21.03
C CYS A 124 -28.76 8.34 -21.97
N GLU A 125 -29.94 8.65 -22.51
CA GLU A 125 -30.55 7.75 -23.46
C GLU A 125 -29.85 7.84 -24.83
N LYS A 126 -29.24 9.00 -25.10
CA LYS A 126 -28.57 9.27 -26.37
C LYS A 126 -27.22 8.56 -26.55
N PHE A 127 -26.51 8.34 -25.45
CA PHE A 127 -25.17 7.77 -25.50
C PHE A 127 -25.06 6.46 -24.73
N SER A 128 -26.19 5.90 -24.32
CA SER A 128 -26.21 4.64 -23.58
C SER A 128 -25.59 3.47 -24.37
N SER A 129 -24.70 2.72 -23.74
CA SER A 129 -24.12 1.55 -24.38
C SER A 129 -25.10 0.39 -24.37
N PRO A 130 -25.12 -0.39 -25.47
CA PRO A 130 -25.96 -1.58 -25.58
C PRO A 130 -25.10 -2.78 -25.23
N TYR A 131 -23.91 -2.47 -24.69
CA TYR A 131 -22.91 -3.47 -24.32
C TYR A 131 -22.76 -3.65 -22.80
N ARG A 132 -22.77 -2.54 -22.05
CA ARG A 132 -22.50 -2.59 -20.62
C ARG A 132 -23.45 -1.76 -19.75
N ILE A 133 -24.16 -2.42 -18.85
CA ILE A 133 -24.93 -1.73 -17.83
C ILE A 133 -24.10 -1.37 -16.58
N GLU A 134 -24.80 -1.02 -15.50
CA GLU A 134 -24.19 -0.72 -14.22
C GLU A 134 -24.80 -1.72 -13.28
N SER A 135 -24.04 -2.22 -12.33
CA SER A 135 -24.65 -3.11 -11.37
C SER A 135 -23.83 -3.31 -10.12
N PRO A 136 -24.52 -3.46 -8.98
CA PRO A 136 -23.84 -4.01 -7.82
C PRO A 136 -23.41 -5.42 -8.16
N GLU A 137 -24.31 -6.21 -8.74
CA GLU A 137 -24.03 -7.61 -9.01
C GLU A 137 -22.93 -7.80 -10.05
N LEU A 138 -22.81 -6.85 -10.98
CA LEU A 138 -21.69 -6.89 -11.90
C LEU A 138 -20.40 -6.59 -11.14
N ASP A 139 -20.39 -5.50 -10.40
CA ASP A 139 -19.20 -5.13 -9.65
C ASP A 139 -18.77 -6.25 -8.71
N CYS A 140 -19.74 -7.05 -8.25
CA CYS A 140 -19.47 -8.10 -7.28
C CYS A 140 -18.87 -9.32 -7.96
N GLU A 141 -19.55 -9.84 -8.98
CA GLU A 141 -19.04 -10.92 -9.84
C GLU A 141 -17.60 -10.67 -10.30
N GLU A 142 -17.27 -9.40 -10.47
CA GLU A 142 -15.92 -9.03 -10.81
C GLU A 142 -14.98 -9.05 -9.62
N GLY A 143 -15.44 -8.54 -8.48
CA GLY A 143 -14.62 -8.52 -7.28
C GLY A 143 -14.19 -9.91 -6.81
N TRP A 144 -15.09 -10.88 -6.95
CA TRP A 144 -14.77 -12.26 -6.63
C TRP A 144 -13.73 -12.82 -7.59
N THR A 145 -13.89 -12.52 -8.87
CA THR A 145 -12.91 -12.95 -9.85
C THR A 145 -11.52 -12.43 -9.49
N ARG A 146 -11.40 -11.13 -9.23
CA ARG A 146 -10.09 -10.58 -8.92
C ARG A 146 -9.53 -11.15 -7.62
N LEU A 147 -10.41 -11.44 -6.67
CA LEU A 147 -9.95 -11.92 -5.38
C LEU A 147 -9.31 -13.28 -5.55
N LYS A 148 -9.91 -14.08 -6.43
CA LYS A 148 -9.49 -15.45 -6.69
C LYS A 148 -8.24 -15.43 -7.54
N CYS A 149 -8.02 -14.31 -8.23
CA CYS A 149 -6.72 -14.03 -8.84
C CYS A 149 -5.66 -13.68 -7.80
N GLY A 150 -6.06 -12.89 -6.83
CA GLY A 150 -5.17 -12.55 -5.74
C GLY A 150 -4.18 -11.44 -6.07
N GLY A 151 -3.04 -11.42 -5.41
CA GLY A 151 -1.99 -10.45 -5.70
C GLY A 151 -2.34 -8.96 -5.80
N ASN A 152 -1.81 -8.25 -6.80
CA ASN A 152 -2.17 -6.85 -6.97
C ASN A 152 -3.60 -6.71 -7.46
N GLN A 153 -4.26 -7.84 -7.64
CA GLN A 153 -5.62 -7.83 -8.16
C GLN A 153 -6.66 -7.61 -7.05
N ASN A 154 -6.21 -7.62 -5.80
CA ASN A 154 -7.12 -7.55 -4.68
C ASN A 154 -7.43 -6.14 -4.23
N GLU A 155 -6.54 -5.21 -4.54
CA GLU A 155 -6.84 -3.80 -4.35
C GLU A 155 -7.99 -3.35 -5.28
N ARG A 156 -7.85 -3.62 -6.57
CA ARG A 156 -8.96 -3.38 -7.49
C ARG A 156 -10.20 -4.12 -7.02
N ALA A 157 -10.02 -5.24 -6.35
CA ALA A 157 -11.16 -6.04 -5.89
C ALA A 157 -11.96 -5.35 -4.78
N LYS A 158 -11.24 -4.71 -3.86
CA LYS A 158 -11.85 -3.98 -2.74
C LYS A 158 -12.79 -2.89 -3.26
N VAL A 159 -12.25 -2.03 -4.13
CA VAL A 159 -13.06 -1.04 -4.80
C VAL A 159 -14.35 -1.66 -5.37
N CYS A 160 -14.21 -2.77 -6.10
CA CYS A 160 -15.36 -3.47 -6.64
C CYS A 160 -16.43 -3.69 -5.56
N PHE A 161 -16.04 -4.21 -4.41
CA PHE A 161 -17.00 -4.52 -3.35
C PHE A 161 -17.49 -3.22 -2.69
N GLU A 162 -16.62 -2.22 -2.62
CA GLU A 162 -17.03 -0.91 -2.20
C GLU A 162 -18.15 -0.38 -3.11
N LYS A 163 -17.89 -0.34 -4.42
CA LYS A 163 -18.89 0.14 -5.37
C LYS A 163 -20.21 -0.61 -5.26
N ALA A 164 -20.18 -1.86 -4.82
CA ALA A 164 -21.39 -2.66 -4.78
C ALA A 164 -22.19 -2.34 -3.53
N LEU A 165 -21.50 -1.80 -2.53
CA LEU A 165 -22.10 -1.51 -1.23
C LEU A 165 -22.65 -0.08 -1.15
N GLU A 166 -22.13 0.82 -1.99
CA GLU A 166 -22.63 2.17 -1.93
C GLU A 166 -24.10 2.14 -2.31
N LYS A 167 -24.40 1.40 -3.38
CA LYS A 167 -25.77 1.25 -3.86
C LYS A 167 -26.67 0.47 -2.91
N LYS A 168 -26.14 -0.62 -2.36
CA LYS A 168 -26.88 -1.47 -1.43
C LYS A 168 -26.09 -1.82 -0.17
N PRO A 169 -26.01 -0.88 0.76
CA PRO A 169 -25.28 -1.10 2.01
C PRO A 169 -25.93 -2.16 2.91
N LYS A 170 -25.11 -2.89 3.65
CA LYS A 170 -25.59 -3.93 4.56
C LYS A 170 -25.78 -5.32 3.93
N ASN A 171 -25.47 -5.45 2.64
CA ASN A 171 -25.61 -6.74 1.96
C ASN A 171 -24.59 -7.75 2.51
N PRO A 172 -24.99 -9.02 2.60
CA PRO A 172 -24.07 -10.04 3.12
C PRO A 172 -22.89 -10.37 2.17
N GLU A 173 -23.19 -10.74 0.92
CA GLU A 173 -22.16 -11.05 -0.06
C GLU A 173 -21.15 -9.93 -0.21
N PHE A 174 -21.60 -8.75 -0.63
CA PHE A 174 -20.66 -7.66 -0.88
C PHE A 174 -19.80 -7.36 0.35
N THR A 175 -20.27 -7.77 1.51
CA THR A 175 -19.57 -7.41 2.72
C THR A 175 -18.50 -8.43 3.00
N SER A 176 -18.84 -9.71 2.85
CA SER A 176 -17.83 -10.77 2.73
C SER A 176 -16.70 -10.30 1.85
N GLY A 177 -17.02 -10.01 0.60
CA GLY A 177 -16.06 -9.47 -0.34
C GLY A 177 -15.17 -8.38 0.23
N LEU A 178 -15.78 -7.38 0.84
CA LEU A 178 -15.02 -6.23 1.32
C LEU A 178 -14.04 -6.66 2.42
N ALA A 179 -14.52 -7.52 3.31
CA ALA A 179 -13.76 -7.99 4.48
C ALA A 179 -12.56 -8.84 4.08
N ILE A 180 -12.80 -9.89 3.29
CA ILE A 180 -11.71 -10.69 2.75
C ILE A 180 -10.70 -9.82 2.01
N ALA A 181 -11.21 -8.98 1.11
CA ALA A 181 -10.33 -8.09 0.37
C ALA A 181 -9.46 -7.25 1.29
N SER A 182 -10.09 -6.66 2.29
CA SER A 182 -9.41 -5.74 3.20
C SER A 182 -8.35 -6.46 4.03
N TYR A 183 -8.74 -7.62 4.57
CA TYR A 183 -7.82 -8.43 5.36
C TYR A 183 -6.57 -8.73 4.56
N ARG A 184 -6.76 -9.09 3.28
CA ARG A 184 -5.65 -9.41 2.38
C ARG A 184 -4.83 -8.18 2.09
N LEU A 185 -5.52 -7.05 1.98
CA LEU A 185 -4.87 -5.78 1.70
C LEU A 185 -4.06 -5.26 2.88
N ASP A 186 -4.52 -5.55 4.10
CA ASP A 186 -3.72 -5.15 5.26
C ASP A 186 -2.56 -6.07 5.51
N ASN A 187 -2.78 -7.38 5.31
CA ASN A 187 -1.75 -8.40 5.47
C ASN A 187 -0.63 -8.33 4.42
N TRP A 188 -0.98 -8.37 3.14
CA TRP A 188 0.01 -8.26 2.07
C TRP A 188 -0.26 -7.02 1.23
N PRO A 189 0.25 -5.85 1.69
CA PRO A 189 0.18 -4.55 1.01
C PRO A 189 0.71 -4.61 -0.41
N PRO A 190 0.01 -3.96 -1.37
CA PRO A 190 0.30 -4.10 -2.80
C PRO A 190 1.55 -3.33 -3.23
N SER A 191 2.13 -3.72 -4.35
CA SER A 191 3.33 -3.07 -4.79
C SER A 191 2.97 -2.05 -5.83
N GLN A 192 3.46 -0.84 -5.66
CA GLN A 192 3.16 0.15 -6.65
C GLN A 192 4.34 0.23 -7.59
N ASN A 193 4.15 -0.36 -8.76
CA ASN A 193 5.16 -0.31 -9.82
C ASN A 193 4.85 0.93 -10.63
N ALA A 194 4.88 2.06 -9.95
CA ALA A 194 4.59 3.34 -10.57
C ALA A 194 5.59 3.71 -11.65
N ILE A 195 6.86 3.39 -11.40
CA ILE A 195 7.91 3.80 -12.30
C ILE A 195 7.56 3.50 -13.77
N ASP A 196 6.72 2.48 -13.98
CA ASP A 196 6.27 2.10 -15.32
C ASP A 196 5.29 3.11 -15.91
N PRO A 197 4.08 3.24 -15.31
CA PRO A 197 3.05 4.08 -15.92
C PRO A 197 3.47 5.54 -15.99
N LEU A 198 4.40 5.94 -15.13
CA LEU A 198 4.98 7.28 -15.22
C LEU A 198 5.72 7.37 -16.54
N ARG A 199 6.44 6.30 -16.88
CA ARG A 199 7.19 6.19 -18.14
C ARG A 199 6.28 6.17 -19.37
N GLN A 200 5.25 5.33 -19.30
CA GLN A 200 4.20 5.24 -20.33
C GLN A 200 3.52 6.59 -20.50
N ALA A 201 3.26 7.24 -19.37
CA ALA A 201 2.57 8.51 -19.35
C ALA A 201 3.42 9.61 -19.97
N ILE A 202 4.68 9.68 -19.54
CA ILE A 202 5.61 10.65 -20.13
C ILE A 202 5.72 10.43 -21.62
N ARG A 203 5.68 9.17 -22.04
CA ARG A 203 5.70 8.88 -23.47
C ARG A 203 4.53 9.55 -24.17
N LEU A 204 3.34 9.33 -23.63
CA LEU A 204 2.09 9.89 -24.17
C LEU A 204 2.00 11.41 -24.11
N ASN A 205 2.48 12.00 -23.03
CA ASN A 205 2.43 13.45 -22.87
C ASN A 205 3.78 14.07 -22.55
N PRO A 206 4.59 14.27 -23.58
CA PRO A 206 5.91 14.87 -23.44
C PRO A 206 5.82 16.31 -22.94
N ASP A 207 4.81 17.04 -23.41
CA ASP A 207 4.61 18.42 -23.01
C ASP A 207 4.37 18.58 -21.51
N ASN A 208 3.57 17.69 -20.93
CA ASN A 208 3.29 17.77 -19.50
C ASN A 208 4.57 17.59 -18.71
N GLN A 209 5.09 18.67 -18.14
CA GLN A 209 6.36 18.59 -17.42
C GLN A 209 6.28 18.01 -16.00
N TYR A 210 5.09 18.01 -15.41
CA TYR A 210 4.92 17.52 -14.05
C TYR A 210 5.28 16.05 -14.00
N LEU A 211 4.88 15.31 -15.02
CA LEU A 211 5.11 13.85 -15.05
C LEU A 211 6.60 13.53 -14.97
N LYS A 212 7.39 14.34 -15.66
CA LYS A 212 8.83 14.14 -15.69
C LYS A 212 9.43 14.28 -14.30
N VAL A 213 9.01 15.28 -13.55
CA VAL A 213 9.53 15.47 -12.20
C VAL A 213 9.19 14.29 -11.28
N LEU A 214 8.04 13.68 -11.46
CA LEU A 214 7.73 12.47 -10.71
C LEU A 214 8.64 11.27 -11.10
N LEU A 215 8.91 11.05 -12.38
CA LEU A 215 9.89 10.04 -12.73
C LEU A 215 11.13 10.39 -11.96
N ALA A 216 11.60 11.62 -12.14
CA ALA A 216 12.83 12.07 -11.51
C ALA A 216 12.89 11.84 -10.00
N LEU A 217 11.76 12.02 -9.31
CA LEU A 217 11.74 11.81 -7.86
C LEU A 217 11.68 10.35 -7.46
N LYS A 218 10.96 9.53 -8.21
CA LYS A 218 10.85 8.13 -7.84
C LYS A 218 12.16 7.38 -8.15
N LEU A 219 12.84 7.74 -9.25
CA LEU A 219 14.17 7.22 -9.54
C LEU A 219 15.14 7.42 -8.37
N HIS A 220 15.26 8.67 -7.92
CA HIS A 220 16.07 9.02 -6.77
C HIS A 220 15.61 8.25 -5.53
N LYS A 221 14.38 7.76 -5.54
CA LYS A 221 13.87 7.05 -4.39
C LYS A 221 14.35 5.62 -4.41
N MET A 222 14.51 5.07 -5.62
CA MET A 222 14.92 3.68 -5.80
C MET A 222 16.41 3.47 -6.14
N ARG A 223 17.23 4.52 -5.96
CA ARG A 223 18.66 4.49 -6.32
C ARG A 223 19.49 3.54 -5.46
N GLY A 230 21.72 9.97 -12.89
CA GLY A 230 21.85 10.87 -14.02
C GLY A 230 20.56 11.21 -14.75
N GLU A 231 19.63 10.25 -14.86
CA GLU A 231 18.41 10.49 -15.62
C GLU A 231 17.61 11.63 -14.99
N GLY A 232 17.26 11.46 -13.71
CA GLY A 232 16.60 12.46 -12.92
C GLY A 232 17.04 13.90 -13.12
N GLU A 233 18.32 14.21 -12.91
CA GLU A 233 18.79 15.60 -13.05
C GLU A 233 18.38 16.19 -14.38
N LYS A 234 18.48 15.40 -15.44
CA LYS A 234 18.13 15.88 -16.79
C LYS A 234 16.62 16.06 -16.93
N LEU A 235 15.88 15.09 -16.40
CA LEU A 235 14.41 15.14 -16.36
C LEU A 235 13.91 16.43 -15.71
N VAL A 236 14.49 16.80 -14.59
CA VAL A 236 14.01 17.99 -13.91
C VAL A 236 14.40 19.22 -14.73
N GLU A 237 15.63 19.24 -15.23
CA GLU A 237 16.11 20.40 -16.01
C GLU A 237 15.29 20.66 -17.27
N GLU A 238 14.86 19.59 -17.94
CA GLU A 238 13.98 19.74 -19.10
C GLU A 238 12.67 20.37 -18.62
N ALA A 239 12.13 19.77 -17.56
CA ALA A 239 10.84 20.18 -17.00
C ALA A 239 10.86 21.60 -16.46
N LEU A 240 11.97 21.99 -15.85
CA LEU A 240 12.13 23.34 -15.38
C LEU A 240 12.31 24.27 -16.55
N GLU A 241 12.90 23.75 -17.62
CA GLU A 241 13.21 24.56 -18.79
C GLU A 241 11.94 24.95 -19.55
N LYS A 242 11.12 23.94 -19.85
CA LYS A 242 9.88 24.15 -20.59
C LYS A 242 8.79 24.93 -19.85
N ALA A 243 8.57 24.60 -18.58
CA ALA A 243 7.54 25.27 -17.79
C ALA A 243 8.00 25.68 -16.39
N PRO A 244 8.86 26.70 -16.31
CA PRO A 244 9.35 27.16 -15.01
C PRO A 244 8.20 27.69 -14.16
N GLY A 245 7.29 28.42 -14.81
CA GLY A 245 6.14 29.01 -14.14
C GLY A 245 5.11 28.09 -13.53
N VAL A 246 4.78 26.99 -14.20
CA VAL A 246 3.79 26.07 -13.68
C VAL A 246 4.09 25.64 -12.24
N THR A 247 3.20 25.94 -11.28
CA THR A 247 3.58 25.76 -9.87
C THR A 247 3.72 24.31 -9.42
N ASP A 248 2.90 23.40 -9.93
CA ASP A 248 3.13 21.98 -9.66
C ASP A 248 4.56 21.57 -9.95
N VAL A 249 5.15 22.14 -11.01
CA VAL A 249 6.50 21.81 -11.42
C VAL A 249 7.56 22.40 -10.48
N LEU A 250 7.46 23.70 -10.19
CA LEU A 250 8.34 24.36 -9.21
C LEU A 250 8.27 23.72 -7.81
N ARG A 251 7.05 23.44 -7.36
CA ARG A 251 6.81 22.84 -6.06
C ARG A 251 7.53 21.53 -5.96
N SER A 252 7.30 20.64 -6.92
CA SER A 252 7.88 19.30 -6.81
C SER A 252 9.33 19.23 -7.24
N ALA A 253 9.76 20.16 -8.07
CA ALA A 253 11.18 20.30 -8.39
C ALA A 253 11.97 20.60 -7.12
N ALA A 254 11.60 21.70 -6.45
CA ALA A 254 12.18 22.06 -5.17
C ALA A 254 12.36 20.85 -4.26
N LYS A 255 11.33 20.01 -4.18
CA LYS A 255 11.36 18.79 -3.38
C LYS A 255 12.54 17.93 -3.78
N PHE A 256 12.66 17.70 -5.08
CA PHE A 256 13.79 17.04 -5.71
C PHE A 256 15.13 17.51 -5.16
N TYR A 257 15.36 18.81 -5.15
CA TYR A 257 16.64 19.29 -4.69
C TYR A 257 16.81 19.23 -3.19
N ARG A 258 15.75 19.42 -2.41
CA ARG A 258 15.90 19.26 -0.97
C ARG A 258 16.40 17.87 -0.68
N ARG A 259 15.89 16.90 -1.42
CA ARG A 259 16.27 15.51 -1.21
C ARG A 259 17.69 15.22 -1.69
N LYS A 260 18.17 16.03 -2.62
CA LYS A 260 19.55 15.89 -3.07
C LYS A 260 20.49 16.82 -2.30
N ASP A 261 20.05 17.24 -1.12
CA ASP A 261 20.79 18.18 -0.27
C ASP A 261 21.23 19.44 -1.01
N GLU A 262 20.28 20.06 -1.70
CA GLU A 262 20.53 21.31 -2.42
C GLU A 262 19.47 22.32 -2.04
N PRO A 263 19.60 22.89 -0.85
CA PRO A 263 18.63 23.84 -0.30
C PRO A 263 18.46 25.11 -1.12
N ASP A 264 19.56 25.65 -1.63
CA ASP A 264 19.50 26.90 -2.40
C ASP A 264 18.63 26.75 -3.64
N LYS A 265 18.77 25.63 -4.33
CA LYS A 265 17.98 25.37 -5.53
C LYS A 265 16.49 25.30 -5.21
N ALA A 266 16.16 24.67 -4.08
CA ALA A 266 14.78 24.50 -3.66
C ALA A 266 14.22 25.82 -3.15
N ILE A 267 14.96 26.51 -2.31
CA ILE A 267 14.47 27.81 -1.84
C ILE A 267 14.20 28.73 -3.02
N GLU A 268 15.07 28.72 -4.03
CA GLU A 268 14.91 29.60 -5.19
C GLU A 268 13.63 29.32 -5.95
N LEU A 269 13.42 28.04 -6.23
CA LEU A 269 12.20 27.55 -6.84
C LEU A 269 10.96 27.98 -6.07
N LEU A 270 10.92 27.73 -4.76
CA LEU A 270 9.70 27.98 -3.99
C LEU A 270 9.42 29.47 -3.82
N LYS A 271 10.48 30.29 -3.82
CA LYS A 271 10.29 31.73 -3.87
C LYS A 271 9.52 32.09 -5.13
N LYS A 272 9.96 31.53 -6.26
CA LYS A 272 9.31 31.76 -7.55
C LYS A 272 7.84 31.39 -7.52
N ALA A 273 7.51 30.18 -7.05
CA ALA A 273 6.10 29.76 -6.97
C ALA A 273 5.27 30.68 -6.07
N LEU A 274 5.89 31.25 -5.05
CA LEU A 274 5.16 32.03 -4.09
C LEU A 274 4.68 33.29 -4.75
N GLU A 275 5.44 33.75 -5.75
CA GLU A 275 5.09 34.97 -6.44
C GLU A 275 3.74 34.81 -7.12
N TYR A 276 3.50 33.61 -7.64
CA TYR A 276 2.23 33.25 -8.26
C TYR A 276 1.06 33.19 -7.29
N ILE A 277 1.26 32.53 -6.15
CA ILE A 277 0.21 32.35 -5.14
C ILE A 277 0.79 32.60 -3.75
N PRO A 278 0.89 33.86 -3.34
CA PRO A 278 1.72 34.05 -2.14
C PRO A 278 1.06 33.72 -0.80
N ASN A 279 -0.13 33.13 -0.79
CA ASN A 279 -0.75 32.74 0.47
C ASN A 279 -0.81 31.23 0.64
N ASN A 280 -0.23 30.51 -0.30
CA ASN A 280 -0.37 29.08 -0.24
C ASN A 280 0.36 28.48 0.97
N ALA A 281 -0.39 27.77 1.80
CA ALA A 281 0.15 27.26 3.05
C ALA A 281 1.13 26.12 2.84
N TYR A 282 0.77 25.18 1.96
CA TYR A 282 1.72 24.13 1.54
C TYR A 282 3.07 24.72 1.08
N LEU A 283 3.03 25.88 0.42
CA LEU A 283 4.25 26.53 -0.03
C LEU A 283 5.08 27.11 1.12
N HIS A 284 4.42 27.79 2.03
CA HIS A 284 5.09 28.30 3.23
C HIS A 284 5.65 27.20 4.10
N CYS A 285 4.88 26.13 4.24
CA CYS A 285 5.39 24.99 4.97
C CYS A 285 6.64 24.48 4.28
N GLN A 286 6.51 23.98 3.06
CA GLN A 286 7.66 23.54 2.25
C GLN A 286 8.90 24.44 2.34
N ILE A 287 8.74 25.74 2.10
CA ILE A 287 9.92 26.55 2.10
C ILE A 287 10.52 26.70 3.50
N GLY A 288 9.65 26.80 4.50
CA GLY A 288 10.09 26.89 5.88
C GLY A 288 10.97 25.71 6.21
N CYS A 289 10.54 24.54 5.79
CA CYS A 289 11.32 23.33 5.95
C CYS A 289 12.64 23.38 5.22
N CYS A 290 12.68 24.07 4.08
CA CYS A 290 13.91 24.12 3.29
C CYS A 290 14.91 25.05 3.95
N TYR A 291 14.44 26.19 4.44
CA TYR A 291 15.29 27.03 5.25
C TYR A 291 15.83 26.25 6.45
N ARG A 292 15.01 25.39 7.03
CA ARG A 292 15.43 24.61 8.17
C ARG A 292 16.49 23.61 7.74
N ALA A 293 16.37 23.10 6.51
CA ALA A 293 17.34 22.15 5.98
C ALA A 293 18.69 22.82 5.75
N LYS A 294 18.69 24.11 5.41
CA LYS A 294 19.93 24.83 5.17
C LYS A 294 20.63 25.10 6.48
N VAL A 295 19.86 25.45 7.50
CA VAL A 295 20.38 25.64 8.85
C VAL A 295 21.23 24.46 9.29
N PHE A 296 20.68 23.24 9.27
CA PHE A 296 21.45 22.05 9.64
C PHE A 296 22.67 21.86 8.76
N GLN A 297 22.47 21.98 7.45
CA GLN A 297 23.56 21.83 6.50
C GLN A 297 24.70 22.81 6.80
N VAL A 298 24.34 24.06 7.03
CA VAL A 298 25.33 25.09 7.33
C VAL A 298 26.07 24.76 8.62
N MET A 299 25.32 24.29 9.62
CA MET A 299 25.92 23.93 10.89
C MET A 299 26.92 22.80 10.69
N ASN A 300 26.53 21.84 9.85
CA ASN A 300 27.38 20.70 9.54
C ASN A 300 28.66 21.14 8.85
N LEU A 301 28.54 22.11 7.94
CA LEU A 301 29.68 22.63 7.21
C LEU A 301 30.24 23.88 7.87
N GLY A 308 27.75 30.41 12.05
CA GLY A 308 27.71 31.84 11.82
C GLY A 308 26.38 32.44 12.28
N LYS A 309 26.48 33.22 13.36
CA LYS A 309 25.33 33.82 14.01
C LYS A 309 24.46 34.74 13.18
N ARG A 310 25.03 35.60 12.34
CA ARG A 310 24.13 36.44 11.57
C ARG A 310 23.30 35.58 10.62
N LYS A 311 23.97 34.67 9.91
CA LYS A 311 23.28 33.80 8.96
C LYS A 311 22.28 32.84 9.58
N LEU A 312 22.66 32.21 10.69
CA LEU A 312 21.75 31.29 11.37
C LEU A 312 20.59 32.12 11.89
N LEU A 313 20.92 33.29 12.42
CA LEU A 313 19.95 34.20 12.98
C LEU A 313 19.00 34.72 11.93
N GLU A 314 19.54 35.00 10.75
CA GLU A 314 18.71 35.52 9.68
C GLU A 314 17.96 34.35 8.99
N LEU A 315 18.70 33.27 8.69
CA LEU A 315 18.11 32.06 8.12
C LEU A 315 17.06 31.49 9.05
N ILE A 316 17.40 31.28 10.32
CA ILE A 316 16.44 30.77 11.27
C ILE A 316 15.25 31.70 11.31
N GLY A 317 15.48 32.98 11.03
CA GLY A 317 14.39 33.94 10.99
C GLY A 317 13.40 33.58 9.91
N HIS A 318 13.93 33.13 8.78
CA HIS A 318 13.13 32.86 7.60
C HIS A 318 12.25 31.65 7.78
N ALA A 319 12.87 30.52 8.06
CA ALA A 319 12.13 29.31 8.39
C ALA A 319 11.01 29.63 9.36
N VAL A 320 11.26 30.51 10.32
CA VAL A 320 10.26 30.78 11.35
C VAL A 320 9.09 31.56 10.77
N ALA A 321 9.36 32.67 10.11
CA ALA A 321 8.26 33.41 9.49
C ALA A 321 7.36 32.49 8.65
N HIS A 322 7.95 31.67 7.80
CA HIS A 322 7.20 30.81 6.90
C HIS A 322 6.40 29.72 7.59
N LEU A 323 7.01 29.04 8.55
CA LEU A 323 6.33 27.99 9.29
C LEU A 323 5.17 28.55 10.14
N LYS A 324 5.37 29.76 10.66
CA LYS A 324 4.31 30.49 11.34
C LYS A 324 3.09 30.72 10.46
N LYS A 325 3.29 30.99 9.16
CA LYS A 325 2.14 31.24 8.30
C LYS A 325 1.36 29.96 8.06
N ALA A 326 2.06 28.83 7.99
CA ALA A 326 1.44 27.53 7.80
C ALA A 326 0.65 27.11 9.06
N ASP A 327 1.28 27.25 10.21
CA ASP A 327 0.65 26.94 11.48
C ASP A 327 -0.61 27.77 11.70
N GLU A 328 -0.55 29.03 11.28
CA GLU A 328 -1.68 29.96 11.34
C GLU A 328 -2.78 29.63 10.34
N ALA A 329 -2.42 28.99 9.25
CA ALA A 329 -3.38 28.70 8.20
C ALA A 329 -4.29 27.60 8.69
N ASN A 330 -3.68 26.49 9.12
CA ASN A 330 -4.40 25.32 9.62
C ASN A 330 -3.51 24.43 10.49
N ASP A 331 -3.68 24.57 11.81
CA ASP A 331 -2.95 23.83 12.84
C ASP A 331 -3.02 22.32 12.71
N ASN A 332 -4.04 21.78 12.03
CA ASN A 332 -4.19 20.31 11.89
C ASN A 332 -3.52 19.75 10.67
N LEU A 333 -3.56 20.52 9.60
CA LEU A 333 -2.91 20.15 8.35
C LEU A 333 -1.42 20.42 8.46
N PHE A 334 -1.05 21.48 9.18
CA PHE A 334 0.36 21.82 9.26
C PHE A 334 0.90 21.69 10.68
N ARG A 335 1.25 20.45 11.01
CA ARG A 335 1.72 20.11 12.32
C ARG A 335 3.18 20.47 12.40
N VAL A 336 3.42 21.68 12.87
CA VAL A 336 4.68 22.33 12.63
C VAL A 336 5.27 22.95 13.92
N CYS A 337 4.62 22.69 15.05
CA CYS A 337 5.01 23.27 16.34
C CYS A 337 6.30 22.74 16.96
N SER A 338 6.53 21.44 16.83
CA SER A 338 7.79 20.83 17.26
C SER A 338 8.94 21.55 16.60
N ILE A 339 8.80 21.74 15.30
CA ILE A 339 9.88 22.25 14.48
C ILE A 339 10.14 23.71 14.76
N LEU A 340 9.07 24.50 14.79
CA LEU A 340 9.15 25.89 15.23
C LEU A 340 9.79 26.01 16.59
N ALA A 341 9.56 25.02 17.44
CA ALA A 341 10.11 25.05 18.79
C ALA A 341 11.60 24.77 18.79
N SER A 342 12.01 23.63 18.21
CA SER A 342 13.43 23.28 18.15
C SER A 342 14.22 24.38 17.42
N LEU A 343 13.53 25.08 16.52
CA LEU A 343 14.07 26.20 15.74
C LEU A 343 14.23 27.50 16.54
N HIS A 344 13.21 27.90 17.29
CA HIS A 344 13.37 29.01 18.23
C HIS A 344 14.41 28.69 19.30
N ALA A 345 14.62 27.40 19.53
CA ALA A 345 15.62 27.00 20.49
C ALA A 345 17.01 27.38 20.00
N LEU A 346 17.37 26.96 18.78
CA LEU A 346 18.67 27.33 18.22
C LEU A 346 18.95 28.82 18.29
N ALA A 347 17.95 29.64 18.05
CA ALA A 347 18.16 31.10 18.08
C ALA A 347 18.18 31.64 19.50
N ASP A 348 18.32 30.76 20.48
CA ASP A 348 18.39 31.20 21.86
C ASP A 348 17.12 31.92 22.27
N GLN A 349 16.04 31.68 21.55
CA GLN A 349 14.80 32.32 21.88
C GLN A 349 14.25 31.22 22.73
N TYR A 350 14.29 31.38 24.04
CA TYR A 350 13.78 30.29 24.89
C TYR A 350 12.30 30.44 25.24
N GLU A 351 11.80 31.67 25.22
CA GLU A 351 10.39 31.92 25.51
C GLU A 351 9.47 31.38 24.41
N GLU A 352 9.76 31.78 23.18
CA GLU A 352 9.05 31.29 22.00
C GLU A 352 9.12 29.77 21.98
N ALA A 353 10.31 29.25 22.24
CA ALA A 353 10.50 27.81 22.23
C ALA A 353 9.50 27.13 23.16
N GLU A 354 9.36 27.65 24.38
CA GLU A 354 8.40 27.17 25.39
C GLU A 354 6.99 27.19 24.83
N TYR A 355 6.56 28.36 24.39
CA TYR A 355 5.23 28.54 23.83
C TYR A 355 4.86 27.45 22.84
N TYR A 356 5.74 27.22 21.86
CA TYR A 356 5.53 26.16 20.87
C TYR A 356 5.66 24.73 21.40
N PHE A 357 6.53 24.50 22.39
CA PHE A 357 6.59 23.18 23.04
C PHE A 357 5.31 22.83 23.77
N GLN A 358 4.76 23.79 24.53
CA GLN A 358 3.52 23.59 25.27
C GLN A 358 2.31 23.42 24.36
N LYS A 359 2.40 23.99 23.15
CA LYS A 359 1.35 23.87 22.14
C LYS A 359 1.30 22.44 21.56
N GLU A 360 2.45 21.80 21.39
CA GLU A 360 2.47 20.44 20.87
C GLU A 360 1.88 19.40 21.82
N PHE A 361 1.88 19.70 23.12
CA PHE A 361 1.42 18.73 24.09
C PHE A 361 -0.11 18.65 24.13
N SER A 362 -0.77 19.77 23.81
CA SER A 362 -2.23 19.84 23.80
C SER A 362 -2.87 18.97 22.70
N LYS A 363 -2.23 18.93 21.54
CA LYS A 363 -2.69 18.17 20.36
C LYS A 363 -2.56 16.64 20.39
N GLU A 364 -3.22 16.00 19.43
CA GLU A 364 -3.22 14.54 19.28
C GLU A 364 -1.80 14.08 19.03
N LEU A 365 -1.45 12.89 19.49
CA LEU A 365 -0.09 12.41 19.32
C LEU A 365 0.08 10.92 19.41
N THR A 366 0.47 10.32 18.30
CA THR A 366 0.93 8.94 18.29
C THR A 366 1.95 8.75 19.40
N PRO A 367 1.73 7.76 20.27
CA PRO A 367 2.73 7.34 21.25
C PRO A 367 4.16 7.49 20.72
N VAL A 368 4.40 7.05 19.48
CA VAL A 368 5.71 7.18 18.85
C VAL A 368 6.24 8.61 18.87
N ALA A 369 5.37 9.54 18.48
CA ALA A 369 5.72 10.96 18.38
C ALA A 369 5.78 11.61 19.76
N LYS A 370 4.82 11.28 20.62
CA LYS A 370 4.79 11.80 21.99
C LYS A 370 6.12 11.52 22.66
N GLN A 371 6.68 10.36 22.38
CA GLN A 371 8.02 10.03 22.82
C GLN A 371 9.05 11.03 22.30
N LEU A 372 9.14 11.16 20.98
CA LEU A 372 10.12 12.07 20.40
C LEU A 372 9.97 13.47 21.00
N LEU A 373 8.74 13.82 21.38
CA LEU A 373 8.50 15.11 21.98
C LEU A 373 9.05 15.21 23.41
N HIS A 374 8.75 14.22 24.23
CA HIS A 374 9.35 14.13 25.56
C HIS A 374 10.87 14.25 25.50
N LEU A 375 11.48 13.51 24.56
CA LEU A 375 12.93 13.57 24.35
C LEU A 375 13.36 14.97 23.97
N ARG A 376 12.70 15.52 22.96
CA ARG A 376 13.09 16.81 22.43
C ARG A 376 13.00 17.85 23.55
N TYR A 377 11.88 17.84 24.27
CA TYR A 377 11.63 18.84 25.30
C TYR A 377 12.55 18.60 26.47
N GLY A 378 12.64 17.33 26.90
CA GLY A 378 13.62 16.95 27.90
C GLY A 378 14.97 17.57 27.62
N ASN A 379 15.54 17.28 26.45
CA ASN A 379 16.84 17.85 26.11
C ASN A 379 16.77 19.37 26.20
N PHE A 380 15.64 19.96 25.85
CA PHE A 380 15.58 21.41 25.86
C PHE A 380 15.70 21.89 27.29
N GLN A 381 15.11 21.14 28.20
CA GLN A 381 15.23 21.45 29.61
C GLN A 381 16.67 21.24 30.01
N LEU A 382 17.15 20.03 29.81
CA LEU A 382 18.51 19.65 30.18
C LEU A 382 19.66 20.59 29.73
N TYR A 383 19.57 21.15 28.53
CA TYR A 383 20.72 21.88 27.96
C TYR A 383 20.48 23.37 27.86
N GLN A 384 19.29 23.75 27.43
CA GLN A 384 18.97 25.16 27.25
C GLN A 384 18.54 25.81 28.58
N MET A 385 17.59 25.18 29.25
CA MET A 385 17.21 25.61 30.60
C MET A 385 18.14 24.94 31.59
N LYS A 386 18.17 25.40 32.83
CA LYS A 386 19.01 24.73 33.81
C LYS A 386 18.36 23.47 34.38
N CYS A 387 17.07 23.28 34.10
CA CYS A 387 16.27 22.27 34.79
C CYS A 387 16.42 20.82 34.38
N GLU A 388 17.33 20.12 35.05
CA GLU A 388 17.45 18.68 34.88
C GLU A 388 16.21 17.97 35.42
N ASP A 389 15.63 18.56 36.46
CA ASP A 389 14.44 17.97 37.05
C ASP A 389 13.36 17.83 35.99
N LYS A 390 13.03 18.93 35.34
CA LYS A 390 12.06 18.86 34.26
C LYS A 390 12.48 17.82 33.22
N ALA A 391 13.76 17.78 32.92
CA ALA A 391 14.25 16.83 31.95
C ALA A 391 13.85 15.40 32.32
N ILE A 392 13.98 15.11 33.61
CA ILE A 392 13.76 13.77 34.14
C ILE A 392 12.29 13.33 34.02
N HIS A 393 11.38 14.28 34.29
CA HIS A 393 9.94 14.02 34.17
C HIS A 393 9.59 13.46 32.80
N HIS A 394 10.30 13.95 31.77
CA HIS A 394 9.99 13.60 30.39
C HIS A 394 10.64 12.31 29.93
N PHE A 395 11.95 12.19 30.17
CA PHE A 395 12.62 10.92 29.89
C PHE A 395 11.80 9.80 30.54
N ILE A 396 11.30 10.03 31.76
CA ILE A 396 10.47 9.03 32.48
C ILE A 396 9.12 8.82 31.80
N GLU A 397 8.36 9.91 31.64
CA GLU A 397 7.05 9.79 31.02
C GLU A 397 7.22 9.30 29.59
N GLY A 398 8.37 9.63 28.98
CA GLY A 398 8.71 9.21 27.64
C GLY A 398 9.00 7.73 27.56
N VAL A 399 9.62 7.19 28.61
CA VAL A 399 10.01 5.79 28.60
C VAL A 399 8.88 4.87 29.04
N LYS A 400 7.96 5.39 29.85
CA LYS A 400 6.78 4.64 30.25
C LYS A 400 5.93 4.29 29.03
N ILE A 401 6.02 5.12 27.99
CA ILE A 401 5.31 4.89 26.73
C ILE A 401 5.81 3.63 26.02
N ASN A 402 4.92 2.66 25.86
CA ASN A 402 5.27 1.35 25.31
C ASN A 402 5.37 1.34 23.79
N GLN A 403 6.40 1.98 23.26
CA GLN A 403 6.70 1.92 21.83
C GLN A 403 8.19 1.65 21.60
N LYS A 404 8.50 0.57 20.90
CA LYS A 404 9.89 0.21 20.69
C LYS A 404 10.57 1.21 19.78
N SER A 405 11.32 2.13 20.36
CA SER A 405 11.97 3.16 19.56
C SER A 405 13.41 3.43 19.98
N ARG A 406 14.19 3.97 19.04
CA ARG A 406 15.53 4.43 19.34
C ARG A 406 15.44 5.63 20.28
N GLU A 407 14.28 6.27 20.29
CA GLU A 407 14.09 7.42 21.17
C GLU A 407 13.88 6.98 22.63
N LYS A 408 13.10 5.93 22.84
CA LYS A 408 12.97 5.38 24.17
C LYS A 408 14.34 4.94 24.65
N GLU A 409 15.03 4.18 23.79
CA GLU A 409 16.36 3.68 24.13
C GLU A 409 17.40 4.78 24.35
N LYS A 410 17.17 5.96 23.78
CA LYS A 410 18.07 7.08 24.03
C LYS A 410 17.73 7.74 25.37
N MET A 411 16.45 7.70 25.75
CA MET A 411 16.02 8.32 27.00
C MET A 411 16.32 7.44 28.20
N LYS A 412 16.49 6.15 27.93
CA LYS A 412 16.96 5.19 28.92
C LYS A 412 18.40 5.49 29.27
N ASP A 413 19.27 5.37 28.28
CA ASP A 413 20.67 5.71 28.44
C ASP A 413 20.85 6.95 29.31
N LYS A 414 19.98 7.95 29.12
CA LYS A 414 20.08 9.22 29.85
C LYS A 414 19.67 9.13 31.31
N LEU A 415 18.65 8.30 31.59
CA LEU A 415 18.14 8.15 32.96
C LEU A 415 19.04 7.24 33.82
N GLN A 416 19.65 6.25 33.17
CA GLN A 416 20.70 5.48 33.82
C GLN A 416 21.87 6.41 34.15
N LYS A 417 22.27 7.22 33.18
CA LYS A 417 23.33 8.19 33.41
C LYS A 417 23.08 9.03 34.65
N ILE A 418 21.87 9.60 34.75
CA ILE A 418 21.57 10.51 35.84
C ILE A 418 21.38 9.80 37.20
N ALA A 419 20.79 8.60 37.18
CA ALA A 419 20.57 7.84 38.41
C ALA A 419 21.88 7.32 39.01
N LYS A 420 22.76 6.85 38.14
CA LYS A 420 24.09 6.43 38.50
C LYS A 420 24.91 7.58 39.10
N MET A 421 25.05 8.67 38.36
CA MET A 421 25.85 9.77 38.83
C MET A 421 25.28 10.30 40.14
N ARG A 422 24.02 9.97 40.41
CA ARG A 422 23.38 10.31 41.68
C ARG A 422 23.81 9.38 42.81
N LEU A 423 23.72 8.06 42.60
CA LEU A 423 24.24 7.10 43.58
C LEU A 423 25.76 7.20 43.73
N SER A 424 26.41 7.88 42.78
CA SER A 424 27.83 8.15 42.87
C SER A 424 28.06 9.05 44.09
N LYS A 425 27.17 10.00 44.27
CA LYS A 425 27.30 10.99 45.34
C LYS A 425 26.73 10.47 46.67
N ASN A 426 25.54 9.87 46.61
CA ASN A 426 24.90 9.30 47.80
C ASN A 426 24.17 7.99 47.44
N GLY A 427 24.72 6.87 47.90
CA GLY A 427 24.15 5.57 47.60
C GLY A 427 22.79 5.33 48.23
N ASP A 429 20.16 9.40 44.38
CA ASP A 429 20.12 8.86 45.73
C ASP A 429 19.08 7.76 45.85
N SER A 430 18.19 7.90 46.83
CA SER A 430 17.13 6.92 47.05
C SER A 430 16.19 6.85 45.85
N GLU A 431 15.87 8.00 45.28
CA GLU A 431 14.98 8.06 44.12
C GLU A 431 15.57 7.33 42.93
N ALA A 432 16.87 7.48 42.73
CA ALA A 432 17.57 6.84 41.63
C ALA A 432 17.51 5.32 41.75
N LEU A 433 17.67 4.83 42.97
CA LEU A 433 17.63 3.39 43.22
C LEU A 433 16.36 2.77 42.67
N HIS A 434 15.38 3.61 42.35
CA HIS A 434 14.11 3.15 41.82
C HIS A 434 14.14 3.20 40.30
N VAL A 435 14.61 4.32 39.78
CA VAL A 435 14.78 4.50 38.34
C VAL A 435 15.76 3.44 37.80
N LEU A 436 16.89 3.30 38.48
CA LEU A 436 17.91 2.31 38.16
C LEU A 436 17.38 0.87 38.06
N ALA A 437 16.55 0.49 39.03
CA ALA A 437 15.96 -0.84 39.06
C ALA A 437 14.97 -1.00 37.93
N PHE A 438 14.02 -0.07 37.87
CA PHE A 438 13.07 0.06 36.77
C PHE A 438 13.71 -0.28 35.43
N LEU A 439 14.70 0.52 35.06
CA LEU A 439 15.47 0.36 33.81
C LEU A 439 16.03 -1.03 33.68
N GLN A 440 16.73 -1.47 34.72
CA GLN A 440 17.31 -2.80 34.77
C GLN A 440 16.24 -3.88 34.63
N GLU A 441 14.98 -3.51 34.85
CA GLU A 441 13.86 -4.45 34.69
C GLU A 441 13.50 -4.63 33.21
N LEU A 442 13.94 -3.69 32.39
CA LEU A 442 13.61 -3.68 30.99
C LEU A 442 14.69 -4.39 30.19
N ASN A 443 15.93 -4.24 30.63
CA ASN A 443 17.07 -4.87 29.97
C ASN A 443 17.07 -6.38 30.14
N GLU A 444 16.68 -6.83 31.33
CA GLU A 444 16.64 -8.25 31.64
C GLU A 444 15.63 -8.98 30.73
N LYS A 445 14.49 -8.35 30.51
CA LYS A 445 13.46 -8.93 29.66
C LYS A 445 13.92 -9.13 28.23
N MET A 446 14.66 -8.16 27.71
CA MET A 446 15.18 -8.23 26.34
C MET A 446 16.69 -8.24 26.32
N GLN A 447 17.27 -9.20 25.59
CA GLN A 447 16.47 -10.18 24.86
C GLN A 447 15.34 -9.51 24.10
N SER B 8 -14.36 -1.70 -36.24
CA SER B 8 -13.81 -2.94 -35.68
C SER B 8 -14.66 -3.77 -34.72
N LEU B 9 -14.71 -5.07 -34.97
CA LEU B 9 -15.48 -5.99 -34.12
C LEU B 9 -14.94 -6.01 -32.69
N GLU B 10 -13.61 -5.99 -32.57
CA GLU B 10 -12.96 -6.02 -31.26
C GLU B 10 -13.14 -4.68 -30.54
N SER B 11 -13.06 -3.60 -31.28
CA SER B 11 -13.21 -2.27 -30.71
C SER B 11 -14.46 -2.26 -29.86
N SER B 12 -15.46 -2.99 -30.35
CA SER B 12 -16.73 -3.06 -29.66
C SER B 12 -16.76 -4.17 -28.60
N LEU B 13 -15.97 -5.22 -28.79
CA LEU B 13 -15.90 -6.24 -27.74
C LEU B 13 -15.19 -5.73 -26.49
N ARG B 14 -14.50 -4.60 -26.58
CA ARG B 14 -13.97 -3.93 -25.40
C ARG B 14 -15.13 -3.42 -24.55
N GLN B 15 -16.29 -3.23 -25.16
CA GLN B 15 -17.39 -2.60 -24.43
C GLN B 15 -18.15 -3.59 -23.56
N LEU B 16 -17.75 -4.85 -23.59
CA LEU B 16 -18.42 -5.88 -22.80
C LEU B 16 -17.60 -6.22 -21.57
N LYS B 17 -18.26 -6.28 -20.42
CA LYS B 17 -17.55 -6.59 -19.19
C LYS B 17 -17.45 -8.10 -19.03
N CYS B 18 -16.24 -8.60 -19.26
CA CYS B 18 -15.92 -10.00 -19.15
C CYS B 18 -14.42 -10.07 -18.89
N HIS B 19 -13.95 -11.20 -18.35
CA HIS B 19 -12.54 -11.31 -18.08
C HIS B 19 -11.63 -10.75 -19.18
N PHE B 20 -12.06 -10.86 -20.43
CA PHE B 20 -11.23 -10.31 -21.52
C PHE B 20 -10.97 -8.82 -21.40
N THR B 21 -11.83 -8.12 -20.68
CA THR B 21 -11.69 -6.67 -20.50
C THR B 21 -11.28 -6.32 -19.09
N TRP B 22 -11.20 -7.32 -18.20
CA TRP B 22 -10.71 -7.03 -16.86
C TRP B 22 -9.18 -6.88 -16.77
N ASN B 23 -8.46 -7.28 -17.81
CA ASN B 23 -7.01 -7.10 -17.82
C ASN B 23 -6.45 -7.75 -16.53
N LEU B 24 -6.68 -9.05 -16.40
CA LEU B 24 -6.38 -9.78 -15.16
C LEU B 24 -4.92 -10.21 -15.09
N MET B 25 -4.25 -10.27 -16.23
CA MET B 25 -2.83 -10.59 -16.28
C MET B 25 -1.91 -9.42 -15.99
N GLU B 26 -2.44 -8.28 -15.56
CA GLU B 26 -1.58 -7.15 -15.32
C GLU B 26 -0.61 -7.46 -14.19
N GLY B 27 0.68 -7.52 -14.51
CA GLY B 27 1.71 -7.72 -13.53
C GLY B 27 2.14 -9.17 -13.41
N GLU B 28 1.65 -10.01 -14.31
CA GLU B 28 2.05 -11.42 -14.36
C GLU B 28 2.85 -11.64 -15.63
N ASN B 29 4.09 -12.11 -15.49
CA ASN B 29 4.91 -12.40 -16.66
C ASN B 29 5.04 -13.91 -16.95
N SER B 30 4.39 -14.71 -16.13
CA SER B 30 4.28 -16.13 -16.42
C SER B 30 2.84 -16.58 -16.35
N LEU B 31 2.41 -17.24 -17.41
CA LEU B 31 1.09 -17.81 -17.48
C LEU B 31 1.02 -19.08 -16.66
N ASP B 32 2.15 -19.75 -16.50
CA ASP B 32 2.16 -21.01 -15.75
C ASP B 32 1.99 -20.77 -14.26
N ASP B 33 2.76 -19.81 -13.76
CA ASP B 33 2.67 -19.33 -12.38
C ASP B 33 1.27 -18.86 -12.09
N PHE B 34 0.69 -18.19 -13.06
CA PHE B 34 -0.66 -17.73 -12.90
C PHE B 34 -1.61 -18.92 -12.80
N GLU B 35 -1.65 -19.75 -13.83
CA GLU B 35 -2.55 -20.90 -13.85
C GLU B 35 -2.36 -21.76 -12.61
N ASP B 36 -1.16 -21.76 -12.04
CA ASP B 36 -0.95 -22.52 -10.81
C ASP B 36 -1.57 -21.81 -9.61
N LYS B 37 -1.19 -20.56 -9.38
CA LYS B 37 -1.69 -19.80 -8.24
C LYS B 37 -3.19 -20.00 -8.16
N VAL B 38 -3.80 -19.99 -9.34
CA VAL B 38 -5.24 -20.08 -9.47
C VAL B 38 -5.74 -21.50 -9.26
N PHE B 39 -5.19 -22.44 -10.01
CA PHE B 39 -5.54 -23.85 -9.88
C PHE B 39 -5.34 -24.44 -8.46
N TYR B 40 -4.31 -24.02 -7.73
CA TYR B 40 -4.10 -24.51 -6.38
C TYR B 40 -5.08 -23.85 -5.42
N ARG B 41 -5.57 -22.67 -5.79
CA ARG B 41 -6.60 -22.01 -4.98
C ARG B 41 -8.00 -22.51 -5.33
N THR B 42 -8.10 -23.31 -6.39
CA THR B 42 -9.38 -23.80 -6.87
C THR B 42 -9.63 -25.22 -6.35
N GLU B 43 -8.60 -25.81 -5.75
CA GLU B 43 -8.74 -27.06 -4.99
C GLU B 43 -9.62 -26.80 -3.75
N PHE B 44 -9.47 -25.64 -3.14
CA PHE B 44 -10.30 -25.22 -2.00
C PHE B 44 -11.78 -25.40 -2.32
N LYS B 50 -19.27 -23.27 -8.56
CA LYS B 50 -19.31 -21.80 -8.49
C LYS B 50 -19.25 -21.20 -9.89
N ALA B 51 -20.24 -20.39 -10.26
CA ALA B 51 -20.26 -19.81 -11.61
C ALA B 51 -19.01 -18.97 -11.89
N THR B 52 -18.65 -18.15 -10.91
CA THR B 52 -17.45 -17.33 -10.97
C THR B 52 -16.24 -18.21 -11.29
N MET B 53 -16.29 -19.44 -10.79
CA MET B 53 -15.16 -20.36 -10.98
C MET B 53 -15.02 -20.80 -12.42
N CYS B 54 -16.10 -21.32 -12.99
CA CYS B 54 -16.10 -21.80 -14.35
C CYS B 54 -15.63 -20.74 -15.34
N ASN B 55 -16.06 -19.50 -15.14
CA ASN B 55 -15.66 -18.40 -16.00
C ASN B 55 -14.19 -18.10 -15.87
N LEU B 56 -13.71 -17.99 -14.65
CA LEU B 56 -12.29 -17.76 -14.42
C LEU B 56 -11.53 -18.82 -15.20
N LEU B 57 -11.90 -20.07 -14.96
CA LEU B 57 -11.31 -21.19 -15.64
C LEU B 57 -11.38 -21.06 -17.16
N ALA B 58 -12.58 -20.80 -17.67
CA ALA B 58 -12.78 -20.64 -19.11
C ALA B 58 -11.76 -19.65 -19.65
N TYR B 59 -11.47 -18.62 -18.86
CA TYR B 59 -10.51 -17.61 -19.28
C TYR B 59 -9.10 -18.19 -19.40
N LEU B 60 -8.77 -19.08 -18.46
CA LEU B 60 -7.48 -19.74 -18.41
C LEU B 60 -7.29 -20.58 -19.65
N LYS B 61 -8.19 -21.55 -19.85
CA LYS B 61 -8.07 -22.46 -20.97
C LYS B 61 -7.89 -21.66 -22.26
N HIS B 62 -8.71 -20.62 -22.43
CA HIS B 62 -8.52 -19.78 -23.62
C HIS B 62 -7.10 -19.25 -23.66
N LEU B 63 -6.61 -18.78 -22.53
CA LEU B 63 -5.31 -18.17 -22.46
C LEU B 63 -4.21 -19.14 -22.87
N LYS B 64 -4.58 -20.42 -22.96
CA LYS B 64 -3.66 -21.48 -23.33
C LYS B 64 -4.07 -22.15 -24.65
N GLY B 65 -4.59 -21.35 -25.59
CA GLY B 65 -4.98 -21.83 -26.90
C GLY B 65 -6.10 -22.85 -26.93
N GLN B 66 -6.40 -23.47 -25.79
CA GLN B 66 -7.46 -24.51 -25.72
C GLN B 66 -8.88 -23.96 -25.70
N ASN B 67 -9.26 -23.24 -26.77
CA ASN B 67 -10.53 -22.50 -26.84
C ASN B 67 -11.82 -23.32 -26.88
N GLU B 68 -11.77 -24.51 -27.47
CA GLU B 68 -12.96 -25.35 -27.40
C GLU B 68 -13.09 -25.77 -25.95
N ALA B 69 -11.93 -25.82 -25.30
CA ALA B 69 -11.84 -26.20 -23.90
C ALA B 69 -12.53 -25.15 -23.04
N ALA B 70 -12.29 -23.88 -23.36
CA ALA B 70 -12.92 -22.77 -22.68
C ALA B 70 -14.44 -22.76 -22.87
N LEU B 71 -14.91 -22.91 -24.11
CA LEU B 71 -16.35 -22.94 -24.38
C LEU B 71 -17.06 -23.93 -23.45
N GLU B 72 -16.35 -25.00 -23.08
CA GLU B 72 -16.90 -26.03 -22.21
C GLU B 72 -17.34 -25.50 -20.86
N CYS B 73 -16.39 -24.87 -20.18
CA CYS B 73 -16.64 -24.33 -18.86
C CYS B 73 -17.78 -23.34 -18.94
N LEU B 74 -17.74 -22.50 -19.98
CA LEU B 74 -18.77 -21.49 -20.21
C LEU B 74 -20.19 -22.09 -20.30
N ARG B 75 -20.32 -23.23 -20.95
CA ARG B 75 -21.60 -23.89 -21.03
C ARG B 75 -21.99 -24.39 -19.64
N LYS B 76 -21.03 -24.97 -18.94
CA LYS B 76 -21.28 -25.45 -17.61
C LYS B 76 -21.67 -24.29 -16.68
N ALA B 77 -20.92 -23.19 -16.76
CA ALA B 77 -21.15 -22.03 -15.88
C ALA B 77 -22.56 -21.52 -16.06
N GLU B 78 -23.02 -21.53 -17.30
CA GLU B 78 -24.31 -20.99 -17.67
C GLU B 78 -25.42 -21.85 -17.09
N GLU B 79 -25.30 -23.14 -17.36
CA GLU B 79 -26.16 -24.15 -16.78
C GLU B 79 -26.26 -23.97 -15.27
N LEU B 80 -25.12 -23.76 -14.61
CA LEU B 80 -25.10 -23.61 -13.16
C LEU B 80 -25.80 -22.34 -12.74
N ILE B 81 -25.69 -21.29 -13.53
CA ILE B 81 -26.29 -20.00 -13.17
C ILE B 81 -27.80 -20.04 -13.18
N GLN B 82 -28.36 -20.84 -14.07
CA GLN B 82 -29.80 -20.94 -14.21
C GLN B 82 -30.42 -21.61 -12.99
N GLN B 83 -29.63 -22.42 -12.31
CA GLN B 83 -30.09 -23.10 -11.11
C GLN B 83 -29.99 -22.17 -9.92
N GLU B 84 -28.81 -21.58 -9.71
CA GLU B 84 -28.62 -20.66 -8.60
C GLU B 84 -29.49 -19.42 -8.74
N HIS B 85 -29.56 -18.87 -9.96
CA HIS B 85 -30.37 -17.69 -10.22
C HIS B 85 -31.23 -17.83 -11.48
N ALA B 86 -32.25 -18.68 -11.42
CA ALA B 86 -33.14 -18.89 -12.57
C ALA B 86 -33.92 -17.63 -12.93
N ASP B 87 -34.37 -16.91 -11.91
CA ASP B 87 -35.15 -15.69 -12.08
C ASP B 87 -34.30 -14.54 -12.62
N GLN B 88 -33.05 -14.50 -12.18
CA GLN B 88 -32.13 -13.45 -12.59
C GLN B 88 -31.18 -13.92 -13.68
N ALA B 89 -31.50 -15.06 -14.31
CA ALA B 89 -30.59 -15.66 -15.27
C ALA B 89 -30.02 -14.65 -16.27
N GLU B 90 -30.85 -13.76 -16.81
CA GLU B 90 -30.39 -12.84 -17.83
C GLU B 90 -29.42 -11.77 -17.30
N ILE B 91 -29.50 -11.45 -16.02
CA ILE B 91 -28.62 -10.40 -15.51
C ILE B 91 -27.30 -10.99 -14.98
N ARG B 92 -27.39 -12.18 -14.40
CA ARG B 92 -26.21 -12.87 -13.88
C ARG B 92 -25.37 -13.29 -15.06
N SER B 93 -26.07 -13.67 -16.14
CA SER B 93 -25.46 -14.24 -17.34
C SER B 93 -24.71 -13.25 -18.22
N LEU B 94 -24.68 -11.99 -17.83
CA LEU B 94 -23.97 -11.03 -18.64
C LEU B 94 -22.51 -11.44 -18.84
N VAL B 95 -21.74 -11.49 -17.77
CA VAL B 95 -20.32 -11.81 -17.86
C VAL B 95 -20.02 -13.04 -18.71
N THR B 96 -20.72 -14.13 -18.45
CA THR B 96 -20.55 -15.35 -19.21
C THR B 96 -20.65 -15.12 -20.73
N TRP B 97 -21.70 -14.42 -21.14
CA TRP B 97 -21.91 -14.19 -22.57
C TRP B 97 -20.76 -13.40 -23.17
N GLY B 98 -20.26 -12.43 -22.44
CA GLY B 98 -19.21 -11.59 -22.95
C GLY B 98 -17.94 -12.40 -23.15
N ASN B 99 -17.80 -13.46 -22.36
CA ASN B 99 -16.70 -14.38 -22.55
C ASN B 99 -16.91 -15.25 -23.81
N TYR B 100 -18.05 -15.92 -23.85
CA TYR B 100 -18.47 -16.62 -25.05
C TYR B 100 -18.09 -15.84 -26.30
N ALA B 101 -18.43 -14.57 -26.31
CA ALA B 101 -18.31 -13.77 -27.52
C ALA B 101 -16.85 -13.58 -27.86
N TRP B 102 -16.04 -13.34 -26.84
CA TRP B 102 -14.62 -13.11 -27.04
C TRP B 102 -13.96 -14.42 -27.45
N VAL B 103 -14.33 -15.49 -26.77
CA VAL B 103 -13.72 -16.74 -27.10
C VAL B 103 -13.96 -16.98 -28.57
N TYR B 104 -15.21 -16.84 -29.01
CA TYR B 104 -15.52 -17.10 -30.42
C TYR B 104 -14.72 -16.21 -31.36
N TYR B 105 -14.52 -14.96 -30.98
CA TYR B 105 -13.74 -14.04 -31.82
C TYR B 105 -12.31 -14.50 -31.99
N HIS B 106 -11.76 -15.14 -30.95
CA HIS B 106 -10.38 -15.59 -31.00
C HIS B 106 -10.29 -16.89 -31.80
N MET B 107 -11.43 -17.56 -31.97
CA MET B 107 -11.50 -18.76 -32.81
C MET B 107 -11.92 -18.37 -34.22
N GLY B 108 -12.25 -17.11 -34.41
CA GLY B 108 -12.66 -16.63 -35.72
C GLY B 108 -14.10 -17.01 -36.02
N ARG B 109 -14.80 -17.48 -35.00
CA ARG B 109 -16.20 -17.85 -35.16
C ARG B 109 -17.03 -16.59 -35.01
N LEU B 110 -17.00 -15.77 -36.06
CA LEU B 110 -17.68 -14.49 -36.06
C LEU B 110 -19.19 -14.63 -35.93
N SER B 111 -19.77 -15.63 -36.59
CA SER B 111 -21.22 -15.79 -36.55
C SER B 111 -21.79 -16.08 -35.15
N ASP B 112 -21.07 -16.86 -34.34
CA ASP B 112 -21.50 -17.17 -32.97
C ASP B 112 -21.26 -15.97 -32.09
N VAL B 113 -20.27 -15.17 -32.47
CA VAL B 113 -19.97 -13.94 -31.76
C VAL B 113 -21.15 -12.97 -31.80
N GLN B 114 -21.74 -12.83 -32.97
CA GLN B 114 -22.87 -11.94 -33.15
C GLN B 114 -24.07 -12.36 -32.33
N ILE B 115 -24.06 -13.60 -31.85
CA ILE B 115 -25.20 -14.17 -31.17
C ILE B 115 -25.19 -13.80 -29.71
N TYR B 116 -23.99 -13.83 -29.15
CA TYR B 116 -23.80 -13.48 -27.76
C TYR B 116 -23.78 -11.97 -27.53
N VAL B 117 -23.31 -11.23 -28.53
CA VAL B 117 -23.50 -9.80 -28.50
C VAL B 117 -24.99 -9.44 -28.62
N ASP B 118 -25.71 -10.14 -29.51
CA ASP B 118 -27.13 -9.85 -29.70
C ASP B 118 -27.94 -10.11 -28.44
N LYS B 119 -27.51 -11.07 -27.61
CA LYS B 119 -28.16 -11.35 -26.34
C LYS B 119 -27.84 -10.28 -25.30
N VAL B 120 -26.61 -9.75 -25.35
CA VAL B 120 -26.13 -8.76 -24.39
C VAL B 120 -26.78 -7.42 -24.65
N LYS B 121 -26.91 -7.04 -25.92
CA LYS B 121 -27.53 -5.76 -26.25
C LYS B 121 -28.99 -5.71 -25.78
N HIS B 122 -29.71 -6.81 -25.97
CA HIS B 122 -31.11 -6.87 -25.55
C HIS B 122 -31.25 -6.75 -24.02
N VAL B 123 -30.40 -7.45 -23.28
CA VAL B 123 -30.46 -7.37 -21.82
C VAL B 123 -30.13 -5.96 -21.32
N CYS B 124 -29.11 -5.37 -21.93
CA CYS B 124 -28.68 -4.02 -21.56
C CYS B 124 -29.75 -2.97 -21.81
N GLU B 125 -30.40 -3.05 -22.97
CA GLU B 125 -31.42 -2.08 -23.32
C GLU B 125 -32.53 -2.17 -22.29
N LYS B 126 -32.88 -3.40 -21.94
CA LYS B 126 -33.94 -3.67 -20.99
C LYS B 126 -33.63 -3.14 -19.61
N PHE B 127 -32.39 -3.29 -19.17
CA PHE B 127 -32.04 -2.89 -17.82
C PHE B 127 -31.27 -1.58 -17.65
N SER B 128 -31.15 -0.76 -18.69
CA SER B 128 -30.33 0.43 -18.54
C SER B 128 -31.00 1.46 -17.64
N SER B 129 -30.17 2.14 -16.84
CA SER B 129 -30.60 3.24 -16.00
C SER B 129 -30.67 4.50 -16.86
N PRO B 130 -31.70 5.32 -16.62
CA PRO B 130 -31.94 6.55 -17.40
C PRO B 130 -31.15 7.72 -16.85
N TYR B 131 -30.54 7.51 -15.70
CA TYR B 131 -29.83 8.57 -14.96
C TYR B 131 -28.29 8.52 -15.07
N ARG B 132 -27.73 7.31 -15.17
CA ARG B 132 -26.28 7.13 -15.24
C ARG B 132 -25.84 6.39 -16.51
N ILE B 133 -24.60 6.63 -16.93
CA ILE B 133 -23.96 5.84 -18.00
C ILE B 133 -22.51 5.45 -17.67
N GLU B 134 -22.06 4.31 -18.17
CA GLU B 134 -20.67 3.90 -17.99
C GLU B 134 -19.93 4.51 -19.14
N SER B 135 -18.86 5.24 -18.85
CA SER B 135 -18.12 5.99 -19.87
C SER B 135 -16.71 6.21 -19.38
N PRO B 136 -15.75 6.17 -20.30
CA PRO B 136 -14.37 6.38 -19.88
C PRO B 136 -14.12 7.85 -19.52
N GLU B 137 -14.90 8.76 -20.07
CA GLU B 137 -14.73 10.18 -19.74
C GLU B 137 -15.33 10.54 -18.38
N LEU B 138 -16.28 9.73 -17.90
CA LEU B 138 -16.90 9.91 -16.59
C LEU B 138 -16.11 9.21 -15.48
N ASP B 139 -15.14 8.40 -15.88
CA ASP B 139 -14.34 7.69 -14.90
C ASP B 139 -13.13 8.57 -14.66
N CYS B 140 -12.70 9.18 -15.75
CA CYS B 140 -11.55 10.04 -15.76
C CYS B 140 -11.80 11.25 -14.88
N GLU B 141 -12.95 11.89 -15.10
CA GLU B 141 -13.33 13.08 -14.33
C GLU B 141 -13.42 12.77 -12.84
N GLU B 142 -14.02 11.65 -12.52
CA GLU B 142 -14.14 11.27 -11.13
C GLU B 142 -12.76 11.03 -10.53
N GLY B 143 -11.89 10.41 -11.32
CA GLY B 143 -10.51 10.15 -10.92
C GLY B 143 -9.75 11.41 -10.58
N TRP B 144 -9.84 12.42 -11.47
CA TRP B 144 -9.22 13.72 -11.22
C TRP B 144 -9.70 14.36 -9.94
N THR B 145 -11.01 14.28 -9.70
CA THR B 145 -11.59 14.81 -8.47
C THR B 145 -11.03 14.12 -7.23
N ARG B 146 -11.15 12.81 -7.18
CA ARG B 146 -10.64 12.07 -6.04
C ARG B 146 -9.16 12.34 -5.87
N LEU B 147 -8.48 12.53 -7.00
CA LEU B 147 -7.07 12.82 -6.93
C LEU B 147 -6.87 14.14 -6.21
N LYS B 148 -7.80 15.07 -6.40
CA LYS B 148 -7.65 16.41 -5.87
C LYS B 148 -8.04 16.49 -4.38
N CYS B 149 -8.88 15.56 -3.94
CA CYS B 149 -9.15 15.41 -2.53
C CYS B 149 -7.97 14.74 -1.83
N GLY B 150 -7.24 13.93 -2.59
CA GLY B 150 -6.03 13.31 -2.09
C GLY B 150 -6.36 12.33 -0.99
N GLY B 151 -5.33 11.90 -0.27
CA GLY B 151 -5.49 10.97 0.83
C GLY B 151 -5.93 9.58 0.44
N ASN B 152 -7.05 9.16 0.99
CA ASN B 152 -7.51 7.80 0.79
C ASN B 152 -8.23 7.66 -0.54
N GLN B 153 -8.72 8.79 -1.04
CA GLN B 153 -9.27 8.83 -2.38
C GLN B 153 -8.22 8.55 -3.48
N ASN B 154 -6.94 8.50 -3.12
CA ASN B 154 -5.91 8.17 -4.09
C ASN B 154 -6.03 6.75 -4.64
N GLU B 155 -6.25 5.76 -3.77
CA GLU B 155 -6.37 4.42 -4.32
C GLU B 155 -7.62 4.30 -5.15
N ARG B 156 -8.70 4.90 -4.65
CA ARG B 156 -9.95 4.96 -5.37
C ARG B 156 -9.79 5.74 -6.70
N ALA B 157 -8.93 6.75 -6.71
CA ALA B 157 -8.61 7.46 -7.95
C ALA B 157 -7.80 6.63 -8.95
N LYS B 158 -6.96 5.70 -8.46
CA LYS B 158 -6.25 4.84 -9.40
C LYS B 158 -7.25 4.01 -10.16
N VAL B 159 -8.11 3.29 -9.44
CA VAL B 159 -9.07 2.44 -10.11
C VAL B 159 -9.83 3.22 -11.19
N CYS B 160 -10.13 4.49 -10.93
CA CYS B 160 -10.93 5.27 -11.87
C CYS B 160 -10.23 5.38 -13.20
N PHE B 161 -8.94 5.72 -13.18
CA PHE B 161 -8.18 5.81 -14.43
C PHE B 161 -7.95 4.45 -15.07
N GLU B 162 -7.70 3.46 -14.24
CA GLU B 162 -7.62 2.09 -14.72
C GLU B 162 -8.91 1.78 -15.45
N LYS B 163 -10.04 1.80 -14.74
CA LYS B 163 -11.34 1.58 -15.37
C LYS B 163 -11.49 2.33 -16.69
N ALA B 164 -10.91 3.52 -16.77
CA ALA B 164 -11.00 4.31 -18.00
C ALA B 164 -10.13 3.71 -19.10
N LEU B 165 -9.00 3.13 -18.73
CA LEU B 165 -8.09 2.50 -19.71
C LEU B 165 -8.60 1.16 -20.21
N GLU B 166 -9.19 0.35 -19.35
CA GLU B 166 -9.69 -0.92 -19.84
C GLU B 166 -10.70 -0.58 -20.93
N LYS B 167 -11.57 0.39 -20.65
CA LYS B 167 -12.56 0.81 -21.62
C LYS B 167 -11.91 1.50 -22.83
N LYS B 168 -10.94 2.37 -22.53
CA LYS B 168 -10.22 3.12 -23.57
C LYS B 168 -8.71 3.13 -23.33
N PRO B 169 -8.05 2.02 -23.60
CA PRO B 169 -6.60 1.90 -23.41
C PRO B 169 -5.76 2.72 -24.41
N LYS B 170 -4.58 3.16 -23.96
CA LYS B 170 -3.65 3.93 -24.78
C LYS B 170 -3.84 5.46 -24.81
N ASN B 171 -4.84 5.96 -24.08
CA ASN B 171 -5.08 7.40 -24.05
C ASN B 171 -4.01 8.17 -23.29
N PRO B 172 -3.68 9.39 -23.74
CA PRO B 172 -2.67 10.20 -23.07
C PRO B 172 -3.13 10.57 -21.65
N GLU B 173 -4.25 11.28 -21.54
CA GLU B 173 -4.83 11.72 -20.26
C GLU B 173 -5.09 10.59 -19.24
N PHE B 174 -5.86 9.56 -19.61
CA PHE B 174 -6.16 8.49 -18.65
C PHE B 174 -4.88 7.90 -18.07
N THR B 175 -3.78 7.99 -18.81
CA THR B 175 -2.56 7.33 -18.37
C THR B 175 -1.80 8.28 -17.46
N SER B 176 -1.90 9.56 -17.79
CA SER B 176 -1.43 10.62 -16.92
C SER B 176 -2.08 10.47 -15.54
N GLY B 177 -3.41 10.43 -15.52
CA GLY B 177 -4.09 10.18 -14.27
C GLY B 177 -3.48 9.01 -13.55
N LEU B 178 -3.39 7.87 -14.23
CA LEU B 178 -2.89 6.63 -13.63
C LEU B 178 -1.43 6.76 -13.14
N ALA B 179 -0.60 7.42 -13.94
CA ALA B 179 0.75 7.66 -13.49
C ALA B 179 0.68 8.26 -12.10
N ILE B 180 0.14 9.48 -12.00
CA ILE B 180 0.11 10.22 -10.76
C ILE B 180 -0.59 9.49 -9.61
N ALA B 181 -1.79 9.00 -9.82
CA ALA B 181 -2.39 8.19 -8.76
C ALA B 181 -1.35 7.19 -8.20
N SER B 182 -0.61 6.55 -9.10
CA SER B 182 0.32 5.47 -8.77
C SER B 182 1.57 5.94 -8.05
N TYR B 183 2.12 7.07 -8.49
CA TYR B 183 3.19 7.71 -7.76
C TYR B 183 2.83 7.94 -6.29
N ARG B 184 1.62 8.40 -6.05
CA ARG B 184 1.26 8.85 -4.71
C ARG B 184 0.92 7.70 -3.79
N LEU B 185 0.29 6.67 -4.32
CA LEU B 185 0.00 5.47 -3.53
C LEU B 185 1.28 4.75 -3.10
N ASP B 186 2.35 4.96 -3.86
CA ASP B 186 3.66 4.44 -3.53
C ASP B 186 4.23 5.27 -2.39
N ASN B 187 4.28 6.57 -2.60
CA ASN B 187 4.71 7.50 -1.56
C ASN B 187 3.93 7.37 -0.24
N TRP B 188 2.61 7.32 -0.31
CA TRP B 188 1.76 7.32 0.89
C TRP B 188 0.76 6.19 0.87
N PRO B 189 1.21 4.97 1.22
CA PRO B 189 0.46 3.71 1.27
C PRO B 189 -0.79 3.84 2.12
N PRO B 190 -1.96 3.58 1.53
CA PRO B 190 -3.23 3.87 2.21
C PRO B 190 -3.41 3.11 3.53
N SER B 191 -4.14 3.69 4.46
CA SER B 191 -4.51 2.99 5.68
C SER B 191 -5.48 1.87 5.35
N GLN B 192 -5.46 0.81 6.14
CA GLN B 192 -6.29 -0.34 5.84
C GLN B 192 -7.08 -0.88 7.04
N ASN B 193 -8.29 -0.36 7.27
CA ASN B 193 -9.13 -0.93 8.32
C ASN B 193 -9.74 -2.23 7.81
N ALA B 194 -9.51 -3.32 8.53
CA ALA B 194 -10.09 -4.60 8.15
C ALA B 194 -10.92 -5.23 9.29
N ILE B 195 -10.68 -4.74 10.51
CA ILE B 195 -11.40 -5.26 11.69
C ILE B 195 -12.90 -4.97 11.64
N ASP B 196 -13.27 -3.79 11.14
CA ASP B 196 -14.67 -3.45 11.09
C ASP B 196 -15.41 -4.30 10.07
N PRO B 197 -14.94 -4.29 8.82
CA PRO B 197 -15.57 -5.05 7.72
C PRO B 197 -15.80 -6.50 8.07
N LEU B 198 -14.92 -7.05 8.91
CA LEU B 198 -14.97 -8.46 9.26
C LEU B 198 -16.07 -8.78 10.27
N ARG B 199 -16.13 -7.99 11.35
CA ARG B 199 -17.21 -8.15 12.30
C ARG B 199 -18.52 -7.89 11.56
N GLN B 200 -18.61 -6.75 10.91
CA GLN B 200 -19.79 -6.47 10.12
C GLN B 200 -20.21 -7.63 9.21
N ALA B 201 -19.22 -8.31 8.60
CA ALA B 201 -19.48 -9.39 7.65
C ALA B 201 -19.78 -10.73 8.34
N ILE B 202 -19.19 -10.93 9.52
CA ILE B 202 -19.46 -12.15 10.28
C ILE B 202 -20.90 -12.16 10.77
N ARG B 203 -21.32 -11.04 11.35
CA ARG B 203 -22.71 -10.85 11.81
C ARG B 203 -23.69 -11.09 10.65
N LEU B 204 -23.47 -10.40 9.53
CA LEU B 204 -24.22 -10.62 8.28
C LEU B 204 -24.10 -12.04 7.67
N ASN B 205 -23.01 -12.76 7.99
CA ASN B 205 -22.78 -14.12 7.48
C ASN B 205 -22.45 -15.17 8.56
N PRO B 206 -23.45 -15.53 9.38
CA PRO B 206 -23.25 -16.38 10.55
C PRO B 206 -22.80 -17.80 10.22
N ASP B 207 -22.81 -18.15 8.94
CA ASP B 207 -22.53 -19.51 8.55
C ASP B 207 -21.20 -19.63 7.81
N ASN B 208 -20.55 -18.50 7.58
CA ASN B 208 -19.27 -18.50 6.90
C ASN B 208 -18.13 -18.48 7.90
N GLN B 209 -17.71 -19.67 8.31
CA GLN B 209 -16.71 -19.79 9.37
C GLN B 209 -15.36 -19.17 8.99
N TYR B 210 -15.01 -19.20 7.70
CA TYR B 210 -13.79 -18.57 7.22
C TYR B 210 -13.60 -17.14 7.74
N LEU B 211 -14.64 -16.30 7.68
CA LEU B 211 -14.50 -14.94 8.17
C LEU B 211 -14.00 -14.92 9.61
N LYS B 212 -14.58 -15.80 10.43
CA LYS B 212 -14.24 -15.85 11.85
C LYS B 212 -12.75 -16.10 12.06
N VAL B 213 -12.20 -17.09 11.35
CA VAL B 213 -10.77 -17.30 11.40
C VAL B 213 -9.98 -16.08 10.96
N LEU B 214 -10.47 -15.37 9.94
CA LEU B 214 -9.76 -14.19 9.47
C LEU B 214 -9.76 -13.14 10.56
N LEU B 215 -10.90 -12.92 11.19
CA LEU B 215 -10.96 -11.92 12.24
C LEU B 215 -10.00 -12.28 13.37
N ALA B 216 -9.94 -13.57 13.69
CA ALA B 216 -9.07 -14.05 14.76
C ALA B 216 -7.59 -13.76 14.48
N LEU B 217 -7.18 -13.87 13.22
CA LEU B 217 -5.79 -13.68 12.83
C LEU B 217 -5.44 -12.23 12.82
N LYS B 218 -6.45 -11.38 12.70
CA LYS B 218 -6.19 -9.95 12.71
C LYS B 218 -6.14 -9.45 14.14
N LEU B 219 -6.97 -10.03 15.01
CA LEU B 219 -6.95 -9.69 16.45
C LEU B 219 -5.62 -10.06 17.09
N HIS B 220 -5.29 -11.35 17.07
CA HIS B 220 -4.00 -11.83 17.58
C HIS B 220 -2.81 -11.06 17.04
N LYS B 221 -2.96 -10.48 15.85
CA LYS B 221 -1.89 -9.70 15.24
C LYS B 221 -1.85 -8.28 15.78
N MET B 222 -2.84 -7.96 16.61
CA MET B 222 -2.90 -6.65 17.25
C MET B 222 -2.73 -6.71 18.77
N ARG B 223 -2.50 -7.91 19.30
CA ARG B 223 -2.42 -8.12 20.75
C ARG B 223 -1.45 -7.15 21.42
N GLY B 230 -7.61 -15.02 24.62
CA GLY B 230 -8.67 -14.07 24.35
C GLY B 230 -9.79 -14.62 23.48
N GLU B 231 -10.47 -13.71 22.77
CA GLU B 231 -11.53 -14.10 21.84
C GLU B 231 -10.94 -14.77 20.62
N GLY B 232 -9.67 -14.47 20.33
CA GLY B 232 -8.97 -15.12 19.24
C GLY B 232 -9.33 -16.59 19.20
N GLU B 233 -8.90 -17.32 20.23
CA GLU B 233 -9.20 -18.75 20.33
C GLU B 233 -10.70 -19.09 20.26
N LYS B 234 -11.53 -18.23 20.84
CA LYS B 234 -12.98 -18.39 20.77
C LYS B 234 -13.42 -18.56 19.31
N LEU B 235 -13.11 -17.53 18.51
CA LEU B 235 -13.48 -17.49 17.11
C LEU B 235 -13.02 -18.72 16.37
N VAL B 236 -11.74 -19.03 16.49
CA VAL B 236 -11.18 -20.15 15.75
C VAL B 236 -11.87 -21.46 16.08
N GLU B 237 -12.08 -21.70 17.37
CA GLU B 237 -12.64 -22.96 17.85
C GLU B 237 -14.10 -23.17 17.41
N GLU B 238 -14.82 -22.06 17.24
CA GLU B 238 -16.20 -22.12 16.79
C GLU B 238 -16.25 -22.52 15.32
N ALA B 239 -15.39 -21.86 14.54
CA ALA B 239 -15.32 -22.09 13.12
C ALA B 239 -14.84 -23.52 12.86
N LEU B 240 -13.87 -23.97 13.64
CA LEU B 240 -13.39 -25.34 13.47
C LEU B 240 -14.51 -26.36 13.72
N GLU B 241 -15.29 -26.16 14.78
CA GLU B 241 -16.34 -27.12 15.12
C GLU B 241 -17.58 -26.96 14.24
N LYS B 242 -17.78 -25.76 13.69
CA LYS B 242 -18.83 -25.54 12.70
C LYS B 242 -18.46 -26.11 11.30
N ALA B 243 -17.17 -26.15 10.96
CA ALA B 243 -16.77 -26.49 9.58
C ALA B 243 -15.47 -27.29 9.43
N PRO B 244 -15.44 -28.52 9.96
CA PRO B 244 -14.18 -29.27 10.04
C PRO B 244 -13.76 -29.88 8.71
N GLY B 245 -14.49 -29.55 7.64
CA GLY B 245 -14.19 -30.08 6.32
C GLY B 245 -13.87 -29.01 5.29
N VAL B 246 -14.06 -27.74 5.66
CA VAL B 246 -13.77 -26.63 4.77
C VAL B 246 -12.28 -26.34 4.81
N THR B 247 -11.62 -26.36 3.65
CA THR B 247 -10.18 -26.25 3.65
C THR B 247 -9.71 -24.82 3.94
N ASP B 248 -10.45 -23.84 3.46
CA ASP B 248 -10.09 -22.45 3.75
C ASP B 248 -9.90 -22.26 5.25
N VAL B 249 -10.82 -22.88 6.01
CA VAL B 249 -10.93 -22.77 7.47
C VAL B 249 -9.77 -23.51 8.16
N LEU B 250 -9.66 -24.80 7.90
CA LEU B 250 -8.51 -25.58 8.37
C LEU B 250 -7.16 -24.91 8.08
N ARG B 251 -6.99 -24.39 6.87
CA ARG B 251 -5.71 -23.81 6.46
C ARG B 251 -5.41 -22.53 7.23
N SER B 252 -6.40 -21.67 7.40
CA SER B 252 -6.17 -20.40 8.13
C SER B 252 -6.11 -20.60 9.62
N ALA B 253 -6.87 -21.56 10.13
CA ALA B 253 -6.74 -21.89 11.55
C ALA B 253 -5.31 -22.35 11.86
N ALA B 254 -4.78 -23.25 11.04
CA ALA B 254 -3.39 -23.68 11.15
C ALA B 254 -2.39 -22.52 11.21
N LYS B 255 -2.59 -21.51 10.37
CA LYS B 255 -1.76 -20.31 10.39
C LYS B 255 -1.89 -19.61 11.75
N PHE B 256 -3.11 -19.53 12.25
CA PHE B 256 -3.38 -18.94 13.55
C PHE B 256 -2.52 -19.64 14.59
N TYR B 257 -2.71 -20.94 14.72
CA TYR B 257 -1.98 -21.70 15.71
C TYR B 257 -0.46 -21.64 15.58
N ARG B 258 0.07 -21.60 14.35
CA ARG B 258 1.53 -21.35 14.23
C ARG B 258 1.90 -19.98 14.79
N ARG B 259 1.12 -18.96 14.43
CA ARG B 259 1.37 -17.60 14.92
C ARG B 259 1.27 -17.66 16.43
N LYS B 260 0.33 -18.44 16.93
CA LYS B 260 0.13 -18.61 18.35
C LYS B 260 1.40 -19.27 18.89
N ASP B 261 2.09 -19.97 18.00
CA ASP B 261 3.33 -20.67 18.30
C ASP B 261 3.07 -22.15 18.56
N GLU B 262 1.81 -22.52 18.66
CA GLU B 262 1.43 -23.90 18.90
C GLU B 262 1.32 -24.59 17.54
N PRO B 263 2.45 -24.84 16.89
CA PRO B 263 2.44 -25.48 15.57
C PRO B 263 1.81 -26.86 15.55
N ASP B 264 2.03 -27.67 16.58
CA ASP B 264 1.50 -29.02 16.59
C ASP B 264 0.03 -29.12 16.20
N LYS B 265 -0.77 -28.13 16.59
CA LYS B 265 -2.18 -28.16 16.21
C LYS B 265 -2.30 -27.79 14.74
N ALA B 266 -1.57 -26.75 14.37
CA ALA B 266 -1.36 -26.39 12.97
C ALA B 266 -1.11 -27.63 12.10
N ILE B 267 -0.06 -28.39 12.41
CA ILE B 267 0.23 -29.55 11.58
C ILE B 267 -0.99 -30.45 11.42
N GLU B 268 -1.73 -30.65 12.51
CA GLU B 268 -2.84 -31.60 12.53
C GLU B 268 -3.98 -31.15 11.64
N LEU B 269 -4.23 -29.85 11.64
CA LEU B 269 -5.19 -29.26 10.73
C LEU B 269 -4.78 -29.45 9.27
N LEU B 270 -3.52 -29.12 8.97
CA LEU B 270 -3.06 -29.18 7.61
C LEU B 270 -3.18 -30.60 7.08
N LYS B 271 -2.79 -31.58 7.91
CA LYS B 271 -2.94 -32.98 7.55
C LYS B 271 -4.38 -33.31 7.14
N LYS B 272 -5.33 -32.77 7.90
CA LYS B 272 -6.76 -32.96 7.62
C LYS B 272 -7.14 -32.38 6.28
N ALA B 273 -6.65 -31.18 5.99
CA ALA B 273 -6.98 -30.54 4.73
C ALA B 273 -6.37 -31.31 3.56
N LEU B 274 -5.17 -31.83 3.79
CA LEU B 274 -4.50 -32.66 2.79
C LEU B 274 -5.31 -33.88 2.39
N GLU B 275 -6.13 -34.39 3.32
CA GLU B 275 -6.94 -35.57 3.05
C GLU B 275 -7.90 -35.28 1.91
N TYR B 276 -8.45 -34.06 1.94
CA TYR B 276 -9.40 -33.66 0.92
C TYR B 276 -8.69 -33.33 -0.39
N ILE B 277 -7.47 -32.81 -0.30
CA ILE B 277 -6.73 -32.48 -1.51
C ILE B 277 -5.30 -32.94 -1.43
N PRO B 278 -5.08 -34.22 -1.74
CA PRO B 278 -3.82 -34.95 -1.59
C PRO B 278 -2.59 -34.11 -1.95
N ASN B 279 -2.63 -33.41 -3.08
CA ASN B 279 -1.41 -32.90 -3.71
C ASN B 279 -1.23 -31.39 -3.81
N ASN B 280 -1.98 -30.64 -3.01
CA ASN B 280 -1.95 -29.21 -3.08
C ASN B 280 -0.60 -28.63 -2.70
N ALA B 281 0.07 -27.98 -3.64
CA ALA B 281 1.37 -27.39 -3.38
C ALA B 281 1.35 -26.38 -2.22
N TYR B 282 0.30 -25.57 -2.12
CA TYR B 282 0.19 -24.55 -1.07
C TYR B 282 0.11 -25.19 0.29
N LEU B 283 -0.75 -26.19 0.41
CA LEU B 283 -0.85 -26.96 1.62
C LEU B 283 0.50 -27.53 1.98
N HIS B 284 1.13 -28.24 1.04
CA HIS B 284 2.42 -28.86 1.30
C HIS B 284 3.48 -27.88 1.73
N CYS B 285 3.51 -26.71 1.10
CA CYS B 285 4.49 -25.71 1.48
C CYS B 285 4.20 -25.30 2.91
N GLN B 286 2.93 -25.11 3.22
CA GLN B 286 2.55 -24.60 4.54
C GLN B 286 2.81 -25.63 5.64
N ILE B 287 2.37 -26.86 5.45
CA ILE B 287 2.67 -27.89 6.42
C ILE B 287 4.17 -28.10 6.55
N GLY B 288 4.87 -28.10 5.42
CA GLY B 288 6.31 -28.18 5.44
C GLY B 288 6.98 -27.14 6.32
N CYS B 289 6.54 -25.89 6.21
CA CYS B 289 7.12 -24.80 6.98
C CYS B 289 6.84 -24.98 8.46
N CYS B 290 5.73 -25.67 8.77
CA CYS B 290 5.32 -25.90 10.15
C CYS B 290 6.25 -26.90 10.83
N TYR B 291 6.41 -28.07 10.23
CA TYR B 291 7.37 -29.03 10.74
C TYR B 291 8.70 -28.34 10.99
N ARG B 292 9.03 -27.37 10.14
CA ARG B 292 10.30 -26.66 10.27
C ARG B 292 10.31 -25.76 11.51
N ALA B 293 9.15 -25.19 11.84
CA ALA B 293 9.03 -24.34 13.02
C ALA B 293 9.16 -25.17 14.28
N LYS B 294 8.63 -26.39 14.24
CA LYS B 294 8.83 -27.34 15.33
C LYS B 294 10.32 -27.72 15.43
N VAL B 295 10.97 -27.95 14.27
CA VAL B 295 12.39 -28.32 14.28
C VAL B 295 13.27 -27.31 15.01
N PHE B 296 12.87 -26.04 15.01
CA PHE B 296 13.58 -25.02 15.76
C PHE B 296 13.29 -25.16 17.24
N GLN B 297 12.01 -25.06 17.58
CA GLN B 297 11.53 -25.16 18.95
C GLN B 297 12.25 -26.27 19.71
N VAL B 298 12.29 -27.47 19.14
CA VAL B 298 12.88 -28.63 19.80
C VAL B 298 14.31 -28.41 20.27
N MET B 299 15.01 -27.64 19.47
CA MET B 299 16.41 -27.30 19.66
C MET B 299 16.72 -26.43 20.84
N ASN B 300 15.85 -25.48 21.09
CA ASN B 300 16.03 -24.57 22.20
C ASN B 300 16.01 -25.23 23.58
N LEU B 301 15.13 -26.19 23.81
CA LEU B 301 15.10 -26.80 25.13
C LEU B 301 16.40 -27.52 25.45
N ARG B 302 16.81 -28.41 24.57
CA ARG B 302 18.07 -29.14 24.73
C ARG B 302 18.35 -29.82 26.08
N GLU B 303 17.37 -30.43 26.74
CA GLU B 303 17.64 -31.12 28.00
C GLU B 303 16.98 -32.50 27.92
N ASN B 304 16.88 -33.03 26.70
CA ASN B 304 16.37 -34.38 26.44
C ASN B 304 14.86 -34.48 26.31
N TYR B 307 14.07 -32.75 22.30
CA TYR B 307 14.36 -34.11 22.72
C TYR B 307 15.76 -34.51 22.33
N GLY B 308 15.86 -35.57 21.56
CA GLY B 308 17.14 -36.06 21.10
C GLY B 308 17.33 -35.86 19.64
N LYS B 309 18.34 -36.49 19.09
CA LYS B 309 18.65 -36.34 17.67
C LYS B 309 17.73 -37.22 16.82
N ARG B 310 17.48 -38.43 17.29
CA ARG B 310 16.61 -39.37 16.58
C ARG B 310 15.23 -38.77 16.34
N LYS B 311 14.92 -37.70 17.06
CA LYS B 311 13.64 -37.04 16.92
C LYS B 311 13.73 -35.87 15.95
N LEU B 312 14.73 -35.00 16.15
CA LEU B 312 14.99 -33.93 15.19
C LEU B 312 14.82 -34.49 13.79
N LEU B 313 15.59 -35.54 13.51
CA LEU B 313 15.66 -36.18 12.20
C LEU B 313 14.34 -36.77 11.71
N GLU B 314 13.45 -37.13 12.62
CA GLU B 314 12.17 -37.63 12.20
C GLU B 314 11.37 -36.44 11.70
N LEU B 315 11.64 -35.27 12.28
CA LEU B 315 10.92 -34.03 11.98
C LEU B 315 11.48 -33.32 10.77
N ILE B 316 12.80 -33.10 10.77
CA ILE B 316 13.51 -32.65 9.57
C ILE B 316 13.10 -33.51 8.36
N GLY B 317 12.85 -34.79 8.61
CA GLY B 317 12.50 -35.69 7.55
C GLY B 317 11.14 -35.35 7.01
N HIS B 318 10.29 -34.85 7.88
CA HIS B 318 8.93 -34.57 7.50
C HIS B 318 8.83 -33.27 6.75
N ALA B 319 9.47 -32.24 7.28
CA ALA B 319 9.52 -30.94 6.62
C ALA B 319 10.15 -31.03 5.22
N VAL B 320 11.32 -31.65 5.15
CA VAL B 320 12.01 -31.81 3.91
C VAL B 320 11.14 -32.47 2.85
N ALA B 321 10.34 -33.46 3.23
CA ALA B 321 9.51 -34.16 2.23
C ALA B 321 8.39 -33.29 1.67
N HIS B 322 7.84 -32.40 2.51
CA HIS B 322 6.71 -31.56 2.16
C HIS B 322 7.15 -30.32 1.40
N LEU B 323 8.23 -29.70 1.85
CA LEU B 323 8.84 -28.59 1.09
C LEU B 323 9.29 -29.04 -0.29
N LYS B 324 9.66 -30.31 -0.41
CA LYS B 324 10.17 -30.88 -1.66
C LYS B 324 9.03 -31.06 -2.66
N LYS B 325 7.82 -31.28 -2.18
CA LYS B 325 6.71 -31.46 -3.10
C LYS B 325 6.30 -30.11 -3.70
N ALA B 326 6.55 -29.04 -2.95
CA ALA B 326 6.24 -27.70 -3.36
C ALA B 326 7.27 -27.23 -4.36
N ASP B 327 8.55 -27.36 -4.00
CA ASP B 327 9.66 -27.09 -4.93
C ASP B 327 9.45 -27.77 -6.27
N GLU B 328 9.07 -29.04 -6.23
CA GLU B 328 8.85 -29.79 -7.46
C GLU B 328 7.68 -29.21 -8.25
N ALA B 329 6.60 -28.89 -7.56
CA ALA B 329 5.43 -28.33 -8.22
C ALA B 329 5.75 -26.96 -8.82
N ASN B 330 6.45 -26.14 -8.05
CA ASN B 330 6.83 -24.80 -8.51
C ASN B 330 8.18 -24.36 -7.94
N ASP B 331 8.96 -23.70 -8.78
CA ASP B 331 10.27 -23.19 -8.39
C ASP B 331 10.26 -21.67 -8.33
N ASN B 332 9.06 -21.09 -8.40
CA ASN B 332 8.92 -19.62 -8.39
C ASN B 332 7.93 -19.13 -7.34
N LEU B 333 6.79 -19.79 -7.28
CA LEU B 333 5.84 -19.59 -6.19
C LEU B 333 6.48 -20.01 -4.89
N PHE B 334 7.05 -21.21 -4.89
CA PHE B 334 7.64 -21.76 -3.67
C PHE B 334 9.19 -21.68 -3.67
N ARG B 335 9.65 -20.51 -3.23
CA ARG B 335 11.06 -20.18 -3.14
C ARG B 335 11.62 -20.80 -1.87
N VAL B 336 11.80 -22.11 -1.89
CA VAL B 336 11.96 -22.87 -0.66
C VAL B 336 13.27 -23.65 -0.61
N CYS B 337 14.24 -23.21 -1.42
CA CYS B 337 15.52 -23.90 -1.57
C CYS B 337 16.48 -23.50 -0.47
N SER B 338 16.40 -22.25 -0.06
CA SER B 338 17.28 -21.79 0.98
C SER B 338 16.91 -22.58 2.24
N ILE B 339 15.61 -22.82 2.42
CA ILE B 339 15.13 -23.53 3.60
C ILE B 339 15.49 -24.99 3.55
N LEU B 340 15.28 -25.63 2.40
CA LEU B 340 15.61 -27.03 2.24
C LEU B 340 17.10 -27.24 2.51
N ALA B 341 17.91 -26.29 2.07
CA ALA B 341 19.37 -26.41 2.18
C ALA B 341 19.80 -26.57 3.63
N SER B 342 19.35 -25.64 4.47
CA SER B 342 19.75 -25.59 5.87
C SER B 342 19.00 -26.63 6.70
N LEU B 343 18.18 -27.43 6.04
CA LEU B 343 17.41 -28.49 6.67
C LEU B 343 18.14 -29.81 6.54
N HIS B 344 18.81 -29.99 5.40
CA HIS B 344 19.65 -31.15 5.21
C HIS B 344 20.96 -30.87 5.91
N ALA B 345 21.26 -29.60 6.07
CA ALA B 345 22.49 -29.24 6.75
C ALA B 345 22.46 -29.73 8.21
N LEU B 346 21.39 -29.40 8.93
CA LEU B 346 21.25 -29.81 10.32
C LEU B 346 21.24 -31.34 10.39
N ALA B 347 20.62 -31.95 9.39
CA ALA B 347 20.49 -33.40 9.29
C ALA B 347 21.85 -34.09 9.19
N ASP B 348 22.79 -33.44 8.52
CA ASP B 348 24.12 -33.99 8.34
C ASP B 348 24.18 -34.65 6.96
N GLN B 349 23.03 -34.67 6.29
CA GLN B 349 22.95 -35.22 4.95
C GLN B 349 23.38 -34.06 4.10
N TYR B 350 24.69 -33.79 4.13
CA TYR B 350 25.29 -32.69 3.40
C TYR B 350 25.14 -32.76 1.89
N GLU B 351 25.29 -33.94 1.30
CA GLU B 351 25.17 -34.03 -0.15
C GLU B 351 23.94 -33.28 -0.65
N GLU B 352 22.81 -33.53 -0.01
CA GLU B 352 21.57 -32.85 -0.36
C GLU B 352 21.72 -31.36 -0.07
N ALA B 353 22.35 -31.01 1.02
CA ALA B 353 22.50 -29.59 1.30
C ALA B 353 23.22 -28.88 0.16
N GLU B 354 24.15 -29.56 -0.51
CA GLU B 354 24.87 -28.95 -1.64
C GLU B 354 23.87 -28.50 -2.72
N TYR B 355 23.13 -29.47 -3.25
CA TYR B 355 22.10 -29.26 -4.25
C TYR B 355 21.30 -27.98 -4.00
N TYR B 356 20.58 -27.90 -2.90
CA TYR B 356 19.67 -26.79 -2.67
C TYR B 356 20.38 -25.46 -2.57
N PHE B 357 21.65 -25.51 -2.18
CA PHE B 357 22.50 -24.32 -2.18
C PHE B 357 22.91 -23.94 -3.63
N GLN B 358 23.27 -24.93 -4.43
CA GLN B 358 23.67 -24.67 -5.81
C GLN B 358 22.51 -24.07 -6.59
N LYS B 359 21.31 -24.63 -6.37
CA LYS B 359 20.10 -24.16 -7.04
C LYS B 359 19.74 -22.73 -6.65
N GLU B 360 19.89 -22.41 -5.36
CA GLU B 360 19.57 -21.09 -4.84
C GLU B 360 20.44 -19.99 -5.43
N PHE B 361 21.71 -20.28 -5.62
CA PHE B 361 22.60 -19.27 -6.17
C PHE B 361 22.22 -18.90 -7.59
N SER B 362 21.90 -19.91 -8.40
CA SER B 362 21.53 -19.67 -9.79
C SER B 362 20.04 -19.38 -9.94
N LYS B 363 19.61 -18.28 -9.33
CA LYS B 363 18.22 -17.85 -9.39
C LYS B 363 18.17 -16.37 -9.12
N GLU B 364 17.09 -15.70 -9.53
CA GLU B 364 17.00 -14.27 -9.27
C GLU B 364 16.93 -14.10 -7.75
N LEU B 365 17.72 -13.18 -7.22
CA LEU B 365 17.72 -12.97 -5.78
C LEU B 365 18.00 -11.52 -5.39
N THR B 366 17.48 -11.13 -4.24
CA THR B 366 17.68 -9.78 -3.73
C THR B 366 19.13 -9.69 -3.25
N PRO B 367 19.68 -8.49 -3.23
CA PRO B 367 21.07 -8.33 -2.78
C PRO B 367 21.19 -8.79 -1.33
N VAL B 368 20.20 -8.43 -0.52
CA VAL B 368 20.18 -8.80 0.88
C VAL B 368 20.07 -10.32 1.05
N ALA B 369 19.26 -10.95 0.21
CA ALA B 369 19.06 -12.39 0.27
C ALA B 369 20.34 -13.09 -0.16
N LYS B 370 21.04 -12.48 -1.12
CA LYS B 370 22.28 -13.06 -1.64
C LYS B 370 23.41 -12.92 -0.64
N GLN B 371 23.24 -12.05 0.35
CA GLN B 371 24.14 -12.00 1.50
C GLN B 371 23.82 -13.13 2.48
N LEU B 372 22.61 -13.09 3.04
CA LEU B 372 22.16 -14.15 3.92
C LEU B 372 22.73 -15.43 3.36
N LEU B 373 22.48 -15.66 2.08
CA LEU B 373 22.92 -16.90 1.42
C LEU B 373 24.43 -17.09 1.45
N HIS B 374 25.18 -16.02 1.14
CA HIS B 374 26.64 -16.09 1.18
C HIS B 374 27.05 -16.46 2.58
N LEU B 375 26.28 -15.94 3.53
CA LEU B 375 26.49 -16.20 4.95
C LEU B 375 26.10 -17.63 5.27
N ARG B 376 24.84 -17.98 5.08
CA ARG B 376 24.35 -19.30 5.44
C ARG B 376 25.28 -20.36 4.88
N TYR B 377 25.77 -20.12 3.68
CA TYR B 377 26.70 -21.04 3.02
C TYR B 377 28.10 -20.91 3.59
N GLY B 378 28.57 -19.68 3.78
CA GLY B 378 29.86 -19.47 4.40
C GLY B 378 29.98 -20.27 5.68
N ASN B 379 28.97 -20.15 6.54
CA ASN B 379 28.92 -20.92 7.78
C ASN B 379 28.97 -22.40 7.48
N PHE B 380 28.04 -22.86 6.65
CA PHE B 380 28.04 -24.26 6.26
C PHE B 380 29.45 -24.72 5.93
N GLN B 381 30.16 -23.92 5.14
CA GLN B 381 31.45 -24.34 4.62
C GLN B 381 32.49 -24.43 5.72
N LEU B 382 32.34 -23.59 6.73
CA LEU B 382 33.28 -23.56 7.85
C LEU B 382 33.13 -24.78 8.77
N TYR B 383 31.90 -24.98 9.25
CA TYR B 383 31.64 -25.87 10.39
C TYR B 383 31.41 -27.34 10.09
N GLN B 384 30.38 -27.66 9.30
CA GLN B 384 30.12 -29.04 8.94
C GLN B 384 31.13 -29.53 7.91
N MET B 385 31.08 -28.93 6.73
CA MET B 385 32.18 -29.01 5.77
C MET B 385 33.33 -28.35 6.47
N LYS B 386 34.56 -28.76 6.16
CA LYS B 386 35.68 -28.15 6.86
C LYS B 386 36.52 -27.24 5.98
N CYS B 387 35.94 -26.78 4.88
CA CYS B 387 36.64 -25.89 3.97
C CYS B 387 36.59 -24.46 4.47
N GLU B 388 37.71 -24.02 5.03
CA GLU B 388 37.88 -22.66 5.52
C GLU B 388 38.00 -21.72 4.34
N ASP B 389 38.75 -22.17 3.33
CA ASP B 389 38.95 -21.38 2.12
C ASP B 389 37.62 -20.89 1.52
N LYS B 390 36.70 -21.83 1.28
CA LYS B 390 35.41 -21.56 0.62
C LYS B 390 34.55 -20.57 1.37
N ALA B 391 34.48 -20.71 2.69
CA ALA B 391 33.75 -19.77 3.49
C ALA B 391 34.28 -18.37 3.24
N ILE B 392 35.60 -18.24 3.36
CA ILE B 392 36.27 -16.97 3.14
C ILE B 392 35.79 -16.26 1.88
N HIS B 393 35.74 -17.01 0.77
CA HIS B 393 35.23 -16.46 -0.49
C HIS B 393 33.88 -15.77 -0.27
N HIS B 394 32.94 -16.50 0.31
CA HIS B 394 31.58 -16.00 0.46
C HIS B 394 31.45 -14.82 1.40
N PHE B 395 32.08 -14.91 2.55
CA PHE B 395 32.08 -13.78 3.44
C PHE B 395 32.64 -12.57 2.70
N ILE B 396 33.62 -12.81 1.84
CA ILE B 396 34.21 -11.73 1.06
C ILE B 396 33.20 -11.16 0.09
N GLU B 397 32.61 -12.06 -0.69
CA GLU B 397 31.65 -11.68 -1.72
C GLU B 397 30.40 -11.08 -1.11
N GLY B 398 30.02 -11.56 0.06
CA GLY B 398 28.82 -11.07 0.73
C GLY B 398 29.04 -9.73 1.38
N VAL B 399 30.31 -9.41 1.66
CA VAL B 399 30.66 -8.12 2.23
C VAL B 399 30.96 -7.12 1.12
N LYS B 400 31.49 -7.63 0.00
CA LYS B 400 31.67 -6.81 -1.20
C LYS B 400 30.33 -6.32 -1.74
N ILE B 401 29.26 -7.07 -1.51
CA ILE B 401 27.96 -6.65 -2.00
C ILE B 401 27.63 -5.31 -1.39
N ASN B 402 27.06 -4.41 -2.19
CA ASN B 402 26.72 -3.08 -1.70
C ASN B 402 25.39 -3.04 -0.97
N GLN B 403 25.36 -3.67 0.19
CA GLN B 403 24.17 -3.72 1.03
C GLN B 403 24.57 -3.59 2.48
N LYS B 404 23.68 -3.03 3.29
CA LYS B 404 23.96 -2.87 4.71
C LYS B 404 22.96 -3.70 5.51
N SER B 405 23.47 -4.54 6.42
CA SER B 405 22.58 -5.38 7.21
C SER B 405 23.30 -6.04 8.38
N ARG B 406 22.54 -6.75 9.22
CA ARG B 406 23.11 -7.44 10.36
C ARG B 406 24.03 -8.56 9.92
N GLU B 407 23.71 -9.16 8.77
CA GLU B 407 24.48 -10.29 8.26
C GLU B 407 25.83 -9.85 7.71
N LYS B 408 25.89 -8.65 7.14
CA LYS B 408 27.15 -8.14 6.63
C LYS B 408 28.15 -8.05 7.77
N GLU B 409 27.66 -7.65 8.93
CA GLU B 409 28.52 -7.50 10.10
C GLU B 409 28.95 -8.84 10.66
N LYS B 410 27.99 -9.74 10.87
CA LYS B 410 28.31 -11.06 11.35
C LYS B 410 29.36 -11.66 10.41
N MET B 411 29.34 -11.18 9.16
CA MET B 411 30.23 -11.67 8.10
C MET B 411 31.60 -11.00 8.10
N LYS B 412 31.63 -9.67 8.26
CA LYS B 412 32.89 -8.97 8.40
C LYS B 412 33.59 -9.52 9.63
N ASP B 413 32.78 -9.92 10.61
CA ASP B 413 33.26 -10.40 11.89
C ASP B 413 33.94 -11.77 11.81
N LYS B 414 33.37 -12.71 11.05
CA LYS B 414 34.00 -14.02 10.89
C LYS B 414 35.32 -13.90 10.14
N LEU B 415 35.46 -12.83 9.36
CA LEU B 415 36.70 -12.59 8.63
C LEU B 415 37.70 -11.85 9.51
N GLN B 416 37.20 -11.32 10.62
CA GLN B 416 38.07 -10.71 11.63
C GLN B 416 38.81 -11.82 12.36
N LYS B 417 38.03 -12.73 12.95
CA LYS B 417 38.57 -13.88 13.63
C LYS B 417 39.59 -14.58 12.74
N ILE B 418 39.16 -14.96 11.55
CA ILE B 418 39.99 -15.78 10.68
C ILE B 418 41.20 -15.03 10.12
N ALA B 419 41.09 -13.71 10.03
CA ALA B 419 42.22 -12.87 9.62
C ALA B 419 43.29 -12.90 10.70
N LYS B 420 42.90 -12.51 11.92
CA LYS B 420 43.80 -12.51 13.06
C LYS B 420 44.62 -13.81 13.14
N MET B 421 43.95 -14.95 12.97
CA MET B 421 44.63 -16.25 13.00
C MET B 421 45.73 -16.34 11.95
N ARG B 422 45.45 -15.90 10.73
CA ARG B 422 46.44 -15.93 9.67
C ARG B 422 47.63 -15.00 9.98
N LEU B 423 47.36 -13.91 10.67
CA LEU B 423 48.42 -12.99 11.09
C LEU B 423 49.35 -13.68 12.09
N SER B 424 48.75 -14.34 13.07
CA SER B 424 49.51 -15.06 14.09
C SER B 424 50.37 -16.18 13.50
N LYS B 425 49.86 -16.90 12.51
CA LYS B 425 50.63 -17.98 11.89
C LYS B 425 51.27 -17.54 10.58
N ASP B 429 48.17 -16.11 6.35
CA ASP B 429 49.36 -15.54 5.72
C ASP B 429 49.45 -14.04 5.98
N SER B 430 50.16 -13.33 5.11
CA SER B 430 50.17 -11.87 5.14
C SER B 430 49.05 -11.36 4.25
N GLU B 431 48.45 -12.28 3.50
CA GLU B 431 47.28 -11.97 2.69
C GLU B 431 46.22 -11.35 3.59
N ALA B 432 46.03 -11.97 4.76
CA ALA B 432 45.01 -11.54 5.72
C ALA B 432 45.16 -10.10 6.16
N LEU B 433 46.38 -9.57 6.12
CA LEU B 433 46.63 -8.18 6.50
C LEU B 433 45.80 -7.23 5.63
N HIS B 434 45.49 -7.68 4.42
CA HIS B 434 44.66 -6.91 3.49
C HIS B 434 43.17 -7.06 3.84
N VAL B 435 42.83 -8.15 4.50
CA VAL B 435 41.48 -8.37 5.01
C VAL B 435 41.23 -7.42 6.17
N LEU B 436 42.30 -7.04 6.85
CA LEU B 436 42.21 -6.05 7.92
C LEU B 436 42.13 -4.65 7.30
N ALA B 437 42.96 -4.39 6.30
CA ALA B 437 42.93 -3.10 5.60
C ALA B 437 41.52 -2.74 5.13
N PHE B 438 40.95 -3.61 4.29
CA PHE B 438 39.60 -3.40 3.79
C PHE B 438 38.64 -3.33 4.96
N LEU B 439 38.88 -4.13 5.98
CA LEU B 439 38.06 -4.12 7.18
C LEU B 439 38.09 -2.74 7.81
N GLN B 440 39.24 -2.36 8.36
CA GLN B 440 39.40 -1.03 8.93
C GLN B 440 38.95 0.05 7.94
N GLU B 441 39.28 -0.15 6.66
CA GLU B 441 38.91 0.79 5.60
C GLU B 441 37.41 0.92 5.51
N LEU B 442 36.72 -0.21 5.60
CA LEU B 442 35.27 -0.19 5.54
C LEU B 442 34.66 0.47 6.80
N ASN B 443 34.93 -0.07 7.98
CA ASN B 443 34.41 0.52 9.22
C ASN B 443 34.79 2.00 9.37
N GLU B 444 35.81 2.41 8.63
CA GLU B 444 36.22 3.82 8.60
C GLU B 444 35.03 4.70 8.26
N LYS B 445 34.53 4.60 7.04
CA LYS B 445 33.44 5.45 6.58
C LYS B 445 32.18 5.31 7.44
N MET B 446 32.00 4.13 8.03
CA MET B 446 30.76 3.76 8.71
C MET B 446 30.50 4.52 10.02
N GLN B 447 31.54 4.72 10.83
CA GLN B 447 31.40 5.47 12.07
C GLN B 447 30.95 6.92 11.83
N GLN B 448 31.42 7.52 10.74
CA GLN B 448 31.05 8.90 10.38
C GLN B 448 29.54 9.05 10.18
N ALA B 449 28.85 7.93 10.00
CA ALA B 449 27.40 7.93 9.77
C ALA B 449 26.63 7.81 11.08
N ASP B 450 27.16 7.01 12.01
CA ASP B 450 26.57 6.84 13.32
C ASP B 450 26.49 8.16 14.10
N GLU B 451 27.54 8.96 13.99
CA GLU B 451 27.59 10.26 14.67
C GLU B 451 26.52 11.20 14.14
N ASP B 452 26.28 11.13 12.83
CA ASP B 452 25.27 11.96 12.18
C ASP B 452 23.90 11.74 12.80
#